data_2XKJ
#
_entry.id   2XKJ
#
_cell.length_a   163.389
_cell.length_b   74.433
_cell.length_c   80.211
_cell.angle_alpha   90.00
_cell.angle_beta   107.96
_cell.angle_gamma   90.00
#
_symmetry.space_group_name_H-M   'C 1 2 1'
#
loop_
_entity.id
_entity.type
_entity.pdbx_description
1 polymer 'TOPOISOMERASE IV'
2 non-polymer 'SULFATE ION'
3 non-polymer GLYCEROL
4 water water
#
_entity_poly.entity_id   1
_entity_poly.type   'polypeptide(L)'
_entity_poly.pdbx_seq_one_letter_code
;MEMAISKAGRRLKAAKKVERKKIVSGPALPGKLADCVGQTREESELFIVEGDSAGGSAKQARDKNFQAIMPIRGKILNTW
EVSSDEVLASQEVHDIAIAIGVDPGSDDLSELRYGKICILADADSDGLHIATLLCALFVKHFPALVEEGHLYVAMPPLFR
IDIGKDVHYALDDEELETILKNVKGNKNPQITRFKGLGEMNAIQLRETTMDPNTRRLVQLDLDDAHLTAGLLDKLLAKKR
AADRKQWLEQKGNLADITVEDKLTMTSLAHHATENRSVAEFTEQAYLNYAMYVIMDRALPHISDGLKPVQRRIVYAMSEL
GLKSSGKPKKSARTVGDVLGKYHPHGDSACYEAMVLMAQPFSYRYPLIEGQGNWGSPDDPKSFAAMRYTEAKLSAYSELL
LSELGQGTSEWQDNFDGSLKEPITLPARVPNILLNGTTGIAVGMATDIPPHNLREVVKGTIALIRNPQTSDEKLAEYIPA
PDLPTKAEIITPPEELLKIQTTGRGSYRMRAVYTIEKNEIVITELPYQVSGSKVITQIADQMQAKKLPLVVDVRDESDHE
NPTRLVIVLRSNRIDAEAVMSHLFATTDLESSYRVNLNMIGEDGRPQVKSIRRILLEWIEIRKKTVTRRLQYHLNRIEKR
LHILAGLLIAYLDIDTVIRIIREEDQPKPVLMEHFNIDEIQAEAILELKLRHLAKLEEMEIRHEQDELSAKAAIIREQLE
NPESLKNLIISELKEDAKKFGDERRSPIVARAEAVQIKEQDLMPAET
;
_entity_poly.pdbx_strand_id   E
#
loop_
_chem_comp.id
_chem_comp.type
_chem_comp.name
_chem_comp.formula
GOL non-polymer GLYCEROL 'C3 H8 O3'
SO4 non-polymer 'SULFATE ION' 'O4 S -2'
#
# COMPACT_ATOMS: atom_id res chain seq x y z
N GLU A 19 35.78 -14.18 -23.41
CA GLU A 19 36.29 -15.51 -23.05
C GLU A 19 36.28 -15.79 -21.54
N ARG A 20 35.49 -16.80 -21.15
CA ARG A 20 35.35 -17.22 -19.77
C ARG A 20 36.60 -18.00 -19.32
N LYS A 21 36.82 -18.12 -18.01
CA LYS A 21 37.93 -18.91 -17.50
C LYS A 21 37.81 -20.35 -18.01
N LYS A 22 38.93 -20.95 -18.37
CA LYS A 22 38.93 -22.29 -18.95
C LYS A 22 38.94 -23.39 -17.89
N ILE A 23 38.19 -24.46 -18.17
CA ILE A 23 38.24 -25.68 -17.35
C ILE A 23 38.29 -26.89 -18.27
N VAL A 24 39.37 -27.66 -18.15
CA VAL A 24 39.46 -28.93 -18.84
C VAL A 24 39.43 -30.06 -17.82
N SER A 25 39.93 -29.76 -16.63
CA SER A 25 40.09 -30.77 -15.57
C SER A 25 39.42 -30.36 -14.26
N GLY A 26 38.63 -31.26 -13.71
CA GLY A 26 38.03 -31.02 -12.41
C GLY A 26 36.60 -30.53 -12.51
N PRO A 27 36.01 -30.19 -11.37
CA PRO A 27 34.61 -29.75 -11.36
C PRO A 27 34.45 -28.33 -11.92
N ALA A 28 33.33 -28.10 -12.60
CA ALA A 28 32.92 -26.76 -12.93
C ALA A 28 32.25 -26.20 -11.68
N LEU A 29 32.76 -25.10 -11.16
CA LEU A 29 32.09 -24.40 -10.07
C LEU A 29 31.89 -25.31 -8.85
N PRO A 30 32.98 -25.89 -8.32
CA PRO A 30 32.83 -26.82 -7.20
C PRO A 30 32.14 -26.20 -5.97
N GLY A 31 31.16 -26.91 -5.42
CA GLY A 31 30.46 -26.44 -4.24
C GLY A 31 29.37 -25.41 -4.52
N LYS A 32 29.11 -25.14 -5.79
CA LYS A 32 28.04 -24.21 -6.15
C LYS A 32 27.12 -24.91 -7.13
N LEU A 33 27.70 -25.34 -8.23
CA LEU A 33 27.01 -26.15 -9.21
C LEU A 33 26.96 -27.60 -8.75
N ALA A 34 25.76 -28.11 -8.53
CA ALA A 34 25.58 -29.53 -8.28
C ALA A 34 25.32 -30.16 -9.64
N ASP A 35 26.34 -30.79 -10.19
CA ASP A 35 26.27 -31.24 -11.57
C ASP A 35 25.57 -32.58 -11.70
N CYS A 36 25.21 -32.94 -12.92
CA CYS A 36 24.54 -34.21 -13.21
C CYS A 36 25.50 -35.17 -13.93
N VAL A 37 25.10 -36.43 -14.04
CA VAL A 37 25.98 -37.47 -14.60
C VAL A 37 25.45 -38.06 -15.91
N GLY A 38 25.05 -37.19 -16.83
CA GLY A 38 24.52 -37.63 -18.12
C GLY A 38 25.59 -37.70 -19.19
N THR A 40 25.73 -37.82 -22.63
CA THR A 40 24.84 -37.15 -23.56
C THR A 40 24.33 -35.82 -22.99
N ARG A 41 25.05 -34.75 -23.28
CA ARG A 41 24.68 -33.44 -22.74
C ARG A 41 23.41 -32.81 -23.32
N GLU A 42 22.99 -33.25 -24.51
CA GLU A 42 21.77 -32.72 -25.13
C GLU A 42 20.49 -33.18 -24.42
N GLU A 43 20.63 -34.16 -23.53
CA GLU A 43 19.52 -34.65 -22.71
C GLU A 43 19.56 -34.01 -21.31
N SER A 44 20.69 -33.38 -21.00
CA SER A 44 20.91 -32.78 -19.70
C SER A 44 20.16 -31.47 -19.52
N GLU A 45 19.79 -31.18 -18.28
CA GLU A 45 19.08 -29.95 -17.98
C GLU A 45 19.72 -29.22 -16.79
N LEU A 46 19.97 -27.93 -16.96
CA LEU A 46 20.44 -27.07 -15.88
C LEU A 46 19.29 -26.22 -15.35
N PHE A 47 19.10 -26.27 -14.04
CA PHE A 47 18.10 -25.44 -13.39
C PHE A 47 18.79 -24.31 -12.62
N ILE A 48 18.53 -23.07 -13.03
CA ILE A 48 19.02 -21.92 -12.29
C ILE A 48 17.95 -21.47 -11.30
N VAL A 49 18.29 -21.54 -10.00
CA VAL A 49 17.32 -21.25 -8.92
C VAL A 49 17.83 -20.13 -8.02
N GLU A 50 16.93 -19.59 -7.20
CA GLU A 50 17.33 -18.62 -6.18
C GLU A 50 17.66 -19.39 -4.90
N GLY A 51 18.83 -19.12 -4.33
CA GLY A 51 19.40 -19.96 -3.29
C GLY A 51 18.55 -20.08 -2.03
N ASP A 52 18.15 -18.94 -1.48
CA ASP A 52 17.43 -18.95 -0.21
C ASP A 52 16.07 -19.61 -0.36
N SER A 53 15.36 -19.25 -1.43
CA SER A 53 13.98 -19.69 -1.58
C SER A 53 13.84 -21.17 -1.94
N ALA A 54 14.74 -21.70 -2.78
CA ALA A 54 14.59 -23.08 -3.26
C ALA A 54 15.91 -23.84 -3.47
N GLY A 55 17.00 -23.33 -2.90
CA GLY A 55 18.31 -23.93 -3.10
C GLY A 55 18.43 -25.37 -2.61
N GLY A 56 18.18 -25.59 -1.33
CA GLY A 56 18.24 -26.94 -0.77
C GLY A 56 17.21 -27.87 -1.37
N SER A 57 15.97 -27.38 -1.48
CA SER A 57 14.88 -28.20 -1.98
C SER A 57 15.07 -28.63 -3.45
N ALA A 58 15.54 -27.73 -4.30
CA ALA A 58 15.73 -28.10 -5.71
C ALA A 58 16.78 -29.20 -5.87
N LYS A 59 17.82 -29.16 -5.05
CA LYS A 59 18.85 -30.19 -5.14
C LYS A 59 18.29 -31.58 -4.77
N GLN A 60 17.42 -31.62 -3.76
CA GLN A 60 16.78 -32.88 -3.37
C GLN A 60 15.66 -33.27 -4.35
N ALA A 61 15.08 -32.29 -5.04
CA ALA A 61 13.98 -32.55 -5.98
C ALA A 61 14.44 -33.12 -7.34
N ARG A 62 15.68 -32.81 -7.71
CA ARG A 62 16.15 -33.12 -9.06
C ARG A 62 16.47 -34.60 -9.23
N ASP A 63 16.68 -35.01 -10.48
CA ASP A 63 17.19 -36.35 -10.81
C ASP A 63 18.65 -36.18 -11.21
N LYS A 64 19.56 -36.62 -10.34
CA LYS A 64 20.99 -36.41 -10.54
C LYS A 64 21.55 -37.01 -11.83
N ASN A 65 20.78 -37.86 -12.48
CA ASN A 65 21.24 -38.50 -13.72
C ASN A 65 21.19 -37.58 -14.92
N PHE A 66 20.33 -36.57 -14.88
CA PHE A 66 20.24 -35.68 -16.03
C PHE A 66 19.90 -34.22 -15.68
N GLN A 67 19.84 -33.90 -14.38
CA GLN A 67 19.51 -32.54 -13.96
C GLN A 67 20.57 -31.95 -13.03
N ALA A 68 21.04 -30.76 -13.39
CA ALA A 68 21.99 -30.03 -12.57
C ALA A 68 21.28 -28.81 -11.99
N ILE A 69 21.77 -28.34 -10.85
CA ILE A 69 21.18 -27.20 -10.14
C ILE A 69 22.25 -26.15 -9.89
N MET A 70 21.99 -24.91 -10.28
CA MET A 70 22.89 -23.82 -9.86
C MET A 70 22.17 -22.75 -9.07
N PRO A 71 22.41 -22.70 -7.76
CA PRO A 71 21.71 -21.73 -6.93
C PRO A 71 22.39 -20.37 -7.04
N ILE A 72 21.59 -19.31 -7.14
CA ILE A 72 22.10 -17.95 -7.14
C ILE A 72 21.52 -17.19 -5.95
N ARG A 73 22.37 -16.56 -5.15
CA ARG A 73 21.91 -15.77 -4.02
C ARG A 73 21.34 -14.43 -4.48
N GLY A 74 20.02 -14.27 -4.35
CA GLY A 74 19.39 -13.02 -4.73
C GLY A 74 19.36 -12.80 -6.23
N LYS A 75 19.11 -11.55 -6.62
CA LYS A 75 18.97 -11.16 -8.03
C LYS A 75 20.32 -10.85 -8.64
N ILE A 76 20.53 -11.26 -9.89
CA ILE A 76 21.73 -10.83 -10.59
C ILE A 76 21.57 -9.39 -11.04
N LEU A 77 22.67 -8.76 -11.43
CA LEU A 77 22.62 -7.37 -11.87
C LEU A 77 21.93 -7.25 -13.22
N ASN A 78 21.49 -6.04 -13.53
CA ASN A 78 20.88 -5.76 -14.82
C ASN A 78 21.98 -5.63 -15.86
N THR A 79 22.12 -6.64 -16.71
CA THR A 79 23.21 -6.69 -17.68
C THR A 79 22.80 -6.16 -19.05
N TRP A 80 21.57 -5.66 -19.16
CA TRP A 80 21.02 -5.28 -20.46
C TRP A 80 21.91 -4.28 -21.19
N GLU A 81 22.46 -3.32 -20.45
CA GLU A 81 23.25 -2.27 -21.06
C GLU A 81 24.74 -2.43 -20.75
N VAL A 82 25.12 -3.55 -20.16
CA VAL A 82 26.53 -3.84 -19.94
C VAL A 82 27.14 -4.41 -21.21
N SER A 83 28.26 -3.86 -21.65
CA SER A 83 28.95 -4.39 -22.82
C SER A 83 29.43 -5.81 -22.54
N SER A 84 29.40 -6.66 -23.57
CA SER A 84 29.85 -8.06 -23.47
C SER A 84 31.33 -8.15 -23.08
N ASP A 85 32.11 -7.17 -23.50
CA ASP A 85 33.52 -7.08 -23.16
C ASP A 85 33.69 -6.84 -21.67
N GLU A 86 32.59 -6.65 -20.97
CA GLU A 86 32.69 -6.13 -19.62
C GLU A 86 31.86 -6.96 -18.65
N VAL A 87 30.99 -7.78 -19.22
CA VAL A 87 29.96 -8.45 -18.44
C VAL A 87 30.49 -9.58 -17.55
N LEU A 88 31.66 -10.11 -17.87
CA LEU A 88 32.23 -11.19 -17.06
C LEU A 88 32.79 -10.68 -15.74
N ALA A 89 32.93 -9.35 -15.65
CA ALA A 89 33.37 -8.71 -14.42
C ALA A 89 32.48 -9.08 -13.25
N SER A 90 31.23 -9.43 -13.55
CA SER A 90 30.30 -9.88 -12.52
C SER A 90 30.52 -11.36 -12.26
N GLN A 91 30.67 -11.76 -11.00
CA GLN A 91 30.92 -13.16 -10.65
C GLN A 91 29.76 -14.08 -11.00
N GLU A 92 28.53 -13.64 -10.70
CA GLU A 92 27.35 -14.44 -10.97
C GLU A 92 27.25 -14.77 -12.44
N VAL A 93 27.50 -13.76 -13.25
CA VAL A 93 27.48 -13.90 -14.70
C VAL A 93 28.62 -14.79 -15.17
N HIS A 94 29.83 -14.53 -14.66
CA HIS A 94 30.94 -15.40 -14.96
C HIS A 94 30.57 -16.86 -14.65
N ASP A 95 30.03 -17.10 -13.46
CA ASP A 95 29.63 -18.46 -13.08
C ASP A 95 28.62 -19.05 -14.07
N ILE A 96 27.64 -18.25 -14.47
CA ILE A 96 26.68 -18.75 -15.44
C ILE A 96 27.36 -19.17 -16.74
N ALA A 97 28.28 -18.35 -17.24
CA ALA A 97 28.97 -18.65 -18.50
C ALA A 97 29.80 -19.93 -18.39
N ILE A 98 30.47 -20.10 -17.26
CA ILE A 98 31.19 -21.35 -17.01
C ILE A 98 30.24 -22.54 -16.94
N ALA A 99 29.16 -22.44 -16.15
CA ALA A 99 28.19 -23.51 -16.03
C ALA A 99 27.65 -23.97 -17.39
N ILE A 100 27.29 -23.03 -18.26
CA ILE A 100 26.69 -23.42 -19.53
C ILE A 100 27.70 -23.71 -20.62
N GLY A 101 28.93 -23.27 -20.43
CA GLY A 101 29.96 -23.49 -21.44
C GLY A 101 29.82 -22.62 -22.68
N VAL A 102 29.47 -21.35 -22.50
CA VAL A 102 29.38 -20.43 -23.61
C VAL A 102 29.94 -19.06 -23.21
N ASP A 103 30.68 -18.43 -24.11
CA ASP A 103 31.18 -17.08 -23.86
C ASP A 103 30.11 -16.07 -24.20
N PRO A 104 30.02 -15.02 -23.40
CA PRO A 104 29.11 -13.92 -23.70
C PRO A 104 29.46 -13.31 -25.04
N GLY A 105 28.44 -13.01 -25.85
CA GLY A 105 28.64 -12.35 -27.12
C GLY A 105 29.07 -13.29 -28.23
N SER A 106 29.18 -14.58 -27.92
CA SER A 106 29.58 -15.56 -28.94
C SER A 106 28.41 -16.40 -29.39
N ASP A 107 28.42 -16.80 -30.67
CA ASP A 107 27.39 -17.69 -31.19
C ASP A 107 27.86 -19.14 -31.30
N ASP A 108 29.02 -19.43 -30.72
CA ASP A 108 29.61 -20.77 -30.74
C ASP A 108 29.06 -21.59 -29.58
N LEU A 109 28.17 -22.53 -29.89
CA LEU A 109 27.51 -23.33 -28.87
C LEU A 109 28.09 -24.74 -28.78
N SER A 110 29.29 -24.95 -29.30
CA SER A 110 29.87 -26.28 -29.39
C SER A 110 30.29 -26.82 -28.02
N GLU A 111 30.46 -25.90 -27.08
CA GLU A 111 30.87 -26.25 -25.72
C GLU A 111 29.67 -26.27 -24.75
N LEU A 112 28.48 -25.99 -25.26
CA LEU A 112 27.25 -25.98 -24.46
C LEU A 112 27.09 -27.25 -23.63
N ARG A 113 26.98 -27.09 -22.31
CA ARG A 113 27.03 -28.24 -21.40
C ARG A 113 25.70 -28.92 -21.07
N TYR A 114 24.59 -28.34 -21.53
CA TYR A 114 23.25 -28.83 -21.22
C TYR A 114 22.34 -28.56 -22.42
N GLY A 115 21.35 -29.43 -22.64
CA GLY A 115 20.41 -29.17 -23.72
C GLY A 115 19.38 -28.13 -23.34
N LYS A 116 19.06 -28.05 -22.05
CA LYS A 116 18.10 -27.06 -21.58
C LYS A 116 18.69 -26.28 -20.41
N ILE A 117 18.54 -24.97 -20.47
CA ILE A 117 18.88 -24.07 -19.38
C ILE A 117 17.54 -23.57 -18.84
N CYS A 118 17.24 -23.86 -17.58
CA CYS A 118 15.89 -23.60 -17.09
C CYS A 118 15.86 -22.63 -15.90
N ILE A 119 15.12 -21.55 -16.08
CA ILE A 119 14.91 -20.59 -15.01
C ILE A 119 13.79 -21.10 -14.10
N LEU A 120 14.12 -21.35 -12.83
CA LEU A 120 13.17 -21.82 -11.86
C LEU A 120 13.02 -20.71 -10.82
N ALA A 121 11.94 -19.94 -10.91
CA ALA A 121 11.74 -18.79 -10.03
C ALA A 121 10.30 -18.77 -9.48
N ASP A 122 10.11 -18.06 -8.36
CA ASP A 122 8.81 -17.96 -7.71
C ASP A 122 7.81 -17.26 -8.62
N ALA A 123 6.53 -17.38 -8.28
CA ALA A 123 5.46 -16.71 -9.01
C ALA A 123 5.22 -15.28 -8.51
N ASP A 124 5.80 -14.91 -7.38
CA ASP A 124 5.53 -13.59 -6.83
C ASP A 124 6.48 -12.54 -7.39
N SER A 125 6.34 -11.32 -6.90
CA SER A 125 7.00 -10.17 -7.52
C SER A 125 8.51 -10.36 -7.61
N ASP A 126 9.13 -10.87 -6.55
CA ASP A 126 10.59 -11.09 -6.59
C ASP A 126 11.01 -12.16 -7.59
N GLY A 127 10.22 -13.23 -7.73
CA GLY A 127 10.56 -14.30 -8.64
C GLY A 127 10.46 -13.79 -10.06
N LEU A 128 9.43 -13.02 -10.33
CA LEU A 128 9.20 -12.43 -11.64
C LEU A 128 10.36 -11.49 -12.01
N HIS A 129 10.88 -10.78 -11.03
CA HIS A 129 11.98 -9.87 -11.29
C HIS A 129 13.26 -10.64 -11.61
N ILE A 130 13.50 -11.69 -10.83
CA ILE A 130 14.66 -12.56 -11.06
C ILE A 130 14.58 -13.18 -12.46
N ALA A 131 13.42 -13.70 -12.83
CA ALA A 131 13.22 -14.26 -14.17
C ALA A 131 13.53 -13.24 -15.26
N THR A 132 13.08 -12.01 -15.11
CA THR A 132 13.30 -11.08 -16.21
C THR A 132 14.78 -10.70 -16.33
N LEU A 133 15.49 -10.64 -15.21
CA LEU A 133 16.89 -10.26 -15.22
C LEU A 133 17.74 -11.36 -15.88
N LEU A 134 17.39 -12.61 -15.61
CA LEU A 134 18.03 -13.74 -16.29
C LEU A 134 17.73 -13.77 -17.79
N CYS A 135 16.47 -13.63 -18.18
CA CYS A 135 16.13 -13.52 -19.60
C CYS A 135 16.93 -12.41 -20.28
N ALA A 136 16.98 -11.25 -19.63
CA ALA A 136 17.72 -10.13 -20.16
C ALA A 136 19.16 -10.55 -20.42
N LEU A 137 19.77 -11.21 -19.44
CA LEU A 137 21.15 -11.68 -19.57
C LEU A 137 21.28 -12.55 -20.81
N PHE A 138 20.37 -13.51 -20.94
CA PHE A 138 20.45 -14.47 -22.04
C PHE A 138 20.13 -13.83 -23.38
N VAL A 139 19.15 -12.94 -23.41
CA VAL A 139 18.82 -12.27 -24.67
C VAL A 139 19.97 -11.37 -25.13
N LYS A 140 20.55 -10.59 -24.22
CA LYS A 140 21.64 -9.68 -24.60
C LYS A 140 22.94 -10.40 -24.88
N HIS A 141 23.35 -11.29 -23.99
CA HIS A 141 24.70 -11.83 -24.06
C HIS A 141 24.81 -13.27 -24.61
N PHE A 142 23.70 -14.00 -24.64
CA PHE A 142 23.71 -15.33 -25.25
C PHE A 142 22.54 -15.55 -26.22
N PRO A 143 22.33 -14.60 -27.15
CA PRO A 143 21.16 -14.71 -28.05
C PRO A 143 21.13 -16.02 -28.85
N ALA A 144 22.29 -16.53 -29.25
CA ALA A 144 22.35 -17.78 -30.02
C ALA A 144 21.70 -18.93 -29.24
N LEU A 145 22.01 -19.01 -27.95
CA LEU A 145 21.41 -19.98 -27.04
C LEU A 145 19.89 -19.91 -27.04
N VAL A 146 19.36 -18.70 -27.00
CA VAL A 146 17.92 -18.52 -27.00
C VAL A 146 17.37 -18.80 -28.40
N GLU A 147 18.08 -18.35 -29.42
CA GLU A 147 17.62 -18.58 -30.79
C GLU A 147 17.58 -20.09 -31.10
N GLU A 148 18.56 -20.86 -30.61
CA GLU A 148 18.56 -22.30 -30.85
C GLU A 148 17.63 -23.09 -29.92
N GLY A 149 16.80 -22.37 -29.15
CA GLY A 149 15.78 -23.03 -28.34
C GLY A 149 16.26 -23.67 -27.05
N HIS A 150 17.36 -23.16 -26.49
CA HIS A 150 17.93 -23.74 -25.27
C HIS A 150 17.47 -23.12 -23.96
N LEU A 151 16.76 -22.00 -24.03
CA LEU A 151 16.33 -21.34 -22.81
C LEU A 151 14.88 -21.66 -22.49
N TYR A 152 14.62 -22.12 -21.27
CA TYR A 152 13.26 -22.44 -20.79
C TYR A 152 12.95 -21.81 -19.44
N VAL A 153 11.66 -21.69 -19.13
CA VAL A 153 11.21 -21.28 -17.82
C VAL A 153 10.45 -22.45 -17.22
N ALA A 154 10.79 -22.82 -15.99
CA ALA A 154 10.05 -23.86 -15.31
C ALA A 154 8.92 -23.15 -14.60
N MET A 155 7.70 -23.30 -15.08
CA MET A 155 6.56 -22.55 -14.54
C MET A 155 6.18 -23.03 -13.14
N PRO A 156 6.04 -22.08 -12.20
CA PRO A 156 5.58 -22.46 -10.86
C PRO A 156 4.10 -22.74 -10.95
N PRO A 157 3.50 -23.38 -9.94
CA PRO A 157 2.04 -23.55 -9.98
C PRO A 157 1.30 -22.22 -10.07
N LEU A 158 0.09 -22.25 -10.62
CA LEU A 158 -0.80 -21.09 -10.59
C LEU A 158 -1.64 -21.11 -9.31
N PHE A 159 -2.11 -22.29 -8.91
CA PHE A 159 -3.02 -22.40 -7.77
C PHE A 159 -2.55 -23.45 -6.78
N ARG A 160 -2.87 -23.22 -5.52
CA ARG A 160 -2.76 -24.25 -4.51
C ARG A 160 -4.19 -24.63 -4.12
N ILE A 161 -4.41 -25.90 -3.82
CA ILE A 161 -5.71 -26.35 -3.38
C ILE A 161 -5.58 -27.16 -2.12
N ASP A 162 -6.19 -26.69 -1.03
CA ASP A 162 -6.17 -27.44 0.22
C ASP A 162 -7.46 -28.22 0.39
N ILE A 163 -7.34 -29.49 0.73
CA ILE A 163 -8.47 -30.37 0.97
C ILE A 163 -8.15 -31.17 2.21
N GLY A 164 -8.69 -30.75 3.35
CA GLY A 164 -8.28 -31.31 4.62
C GLY A 164 -6.80 -31.09 4.84
N LYS A 165 -6.09 -32.17 5.13
CA LYS A 165 -4.65 -32.11 5.35
C LYS A 165 -3.88 -32.28 4.04
N ASP A 166 -4.62 -32.44 2.94
CA ASP A 166 -4.02 -32.62 1.63
C ASP A 166 -3.82 -31.29 0.92
N VAL A 167 -2.66 -31.16 0.30
CA VAL A 167 -2.30 -30.00 -0.48
C VAL A 167 -2.12 -30.42 -1.92
N HIS A 168 -2.81 -29.73 -2.83
CA HIS A 168 -2.64 -30.00 -4.26
C HIS A 168 -2.21 -28.73 -4.98
N TYR A 169 -1.46 -28.88 -6.06
CA TYR A 169 -1.07 -27.75 -6.90
C TYR A 169 -1.62 -27.91 -8.31
N ALA A 170 -2.06 -26.80 -8.91
CA ALA A 170 -2.45 -26.78 -10.33
C ALA A 170 -1.57 -25.80 -11.09
N LEU A 171 -1.01 -26.26 -12.20
CA LEU A 171 -0.11 -25.44 -12.99
C LEU A 171 -0.86 -24.60 -14.01
N ASP A 172 -2.17 -24.84 -14.09
CA ASP A 172 -3.02 -24.10 -15.02
C ASP A 172 -4.50 -24.32 -14.72
N ASP A 173 -5.34 -23.62 -15.46
CA ASP A 173 -6.78 -23.65 -15.25
C ASP A 173 -7.41 -25.00 -15.50
N GLU A 174 -6.84 -25.76 -16.43
CA GLU A 174 -7.32 -27.10 -16.74
C GLU A 174 -7.11 -28.04 -15.55
N GLU A 175 -5.89 -28.07 -15.04
CA GLU A 175 -5.54 -28.92 -13.90
C GLU A 175 -6.39 -28.60 -12.69
N LEU A 176 -6.74 -27.33 -12.51
CA LEU A 176 -7.57 -26.93 -11.38
C LEU A 176 -8.97 -27.50 -11.54
N GLU A 177 -9.54 -27.34 -12.73
CA GLU A 177 -10.85 -27.90 -13.00
C GLU A 177 -10.86 -29.42 -12.81
N THR A 178 -9.82 -30.09 -13.30
CA THR A 178 -9.70 -31.53 -13.12
C THR A 178 -9.66 -31.92 -11.65
N ILE A 179 -8.80 -31.26 -10.88
CA ILE A 179 -8.68 -31.53 -9.46
C ILE A 179 -10.02 -31.38 -8.75
N LEU A 180 -10.72 -30.28 -9.06
CA LEU A 180 -11.96 -29.96 -8.38
C LEU A 180 -13.07 -30.97 -8.66
N LYS A 181 -13.20 -31.40 -9.91
CA LYS A 181 -14.34 -32.28 -10.27
C LYS A 181 -14.19 -33.74 -9.78
N ASN A 182 -12.98 -34.12 -9.39
CA ASN A 182 -12.69 -35.50 -9.05
C ASN A 182 -12.60 -35.75 -7.56
N VAL A 183 -12.71 -34.69 -6.78
CA VAL A 183 -12.92 -34.88 -5.36
C VAL A 183 -14.39 -34.63 -5.09
N LYS A 184 -15.09 -35.71 -4.77
CA LYS A 184 -16.45 -35.62 -4.29
C LYS A 184 -16.42 -36.15 -2.87
N GLY A 185 -17.37 -35.74 -2.05
CA GLY A 185 -17.41 -36.17 -0.67
C GLY A 185 -17.69 -35.05 0.30
N ASN A 186 -16.91 -35.00 1.37
CA ASN A 186 -17.18 -34.08 2.48
C ASN A 186 -16.49 -32.72 2.37
N LYS A 187 -15.17 -32.70 2.51
CA LYS A 187 -14.40 -31.46 2.66
C LYS A 187 -14.63 -30.43 1.55
N ASN A 188 -14.57 -29.15 1.92
CA ASN A 188 -14.65 -28.06 0.96
C ASN A 188 -13.27 -27.58 0.53
N PRO A 189 -13.04 -27.54 -0.79
CA PRO A 189 -11.72 -27.17 -1.31
C PRO A 189 -11.43 -25.68 -1.20
N GLN A 190 -10.33 -25.33 -0.54
N GLN A 190 -10.31 -25.34 -0.56
CA GLN A 190 -9.90 -23.93 -0.54
CA GLN A 190 -9.82 -23.96 -0.50
C GLN A 190 -8.80 -23.69 -1.57
C GLN A 190 -8.79 -23.73 -1.62
N ILE A 191 -9.11 -22.80 -2.52
CA ILE A 191 -8.22 -22.49 -3.63
C ILE A 191 -7.48 -21.19 -3.37
N THR A 192 -6.17 -21.17 -3.54
CA THR A 192 -5.43 -19.93 -3.36
C THR A 192 -4.40 -19.71 -4.45
N ARG A 193 -3.99 -18.45 -4.63
CA ARG A 193 -2.98 -18.12 -5.61
C ARG A 193 -1.59 -18.53 -5.10
N PHE A 194 -0.83 -19.23 -5.93
CA PHE A 194 0.47 -19.73 -5.49
C PHE A 194 1.49 -18.60 -5.52
N LYS A 195 2.35 -18.55 -4.50
CA LYS A 195 3.35 -17.48 -4.38
C LYS A 195 4.79 -17.98 -4.55
N GLY A 196 5.25 -18.77 -3.59
CA GLY A 196 6.67 -19.07 -3.48
C GLY A 196 7.03 -20.54 -3.48
N LEU A 197 8.01 -20.89 -4.29
CA LEU A 197 8.50 -22.28 -4.34
C LEU A 197 9.05 -22.72 -2.98
N GLY A 198 9.41 -21.75 -2.15
CA GLY A 198 9.99 -22.05 -0.84
C GLY A 198 8.96 -22.63 0.10
N GLU A 199 7.70 -22.64 -0.30
CA GLU A 199 6.68 -23.24 0.54
C GLU A 199 6.59 -24.76 0.35
N MET A 200 7.25 -25.27 -0.68
CA MET A 200 7.10 -26.68 -1.03
C MET A 200 8.17 -27.54 -0.40
N ASN A 201 7.82 -28.76 -0.02
CA ASN A 201 8.87 -29.73 0.25
C ASN A 201 9.46 -30.27 -1.07
N ALA A 202 10.55 -31.02 -0.98
CA ALA A 202 11.26 -31.47 -2.17
C ALA A 202 10.39 -32.33 -3.10
N ILE A 203 9.55 -33.18 -2.53
CA ILE A 203 8.66 -34.01 -3.32
C ILE A 203 7.65 -33.19 -4.12
N GLN A 204 7.11 -32.12 -3.53
CA GLN A 204 6.11 -31.30 -4.21
C GLN A 204 6.81 -30.54 -5.31
N LEU A 205 8.03 -30.08 -5.03
CA LEU A 205 8.81 -29.30 -6.00
C LEU A 205 9.16 -30.15 -7.22
N ARG A 206 9.66 -31.34 -6.95
CA ARG A 206 9.87 -32.32 -8.03
C ARG A 206 8.64 -32.52 -8.93
N GLU A 207 7.49 -32.81 -8.30
N GLU A 207 7.49 -32.83 -8.31
CA GLU A 207 6.25 -33.13 -9.01
CA GLU A 207 6.28 -33.13 -9.05
C GLU A 207 5.75 -31.96 -9.84
C GLU A 207 5.81 -31.95 -9.89
N THR A 208 5.94 -30.74 -9.34
CA THR A 208 5.39 -29.57 -9.99
C THR A 208 6.30 -28.89 -11.02
N THR A 209 7.61 -28.95 -10.82
CA THR A 209 8.49 -28.14 -11.66
C THR A 209 9.66 -28.87 -12.31
N MET A 210 10.02 -30.05 -11.81
CA MET A 210 11.26 -30.67 -12.27
C MET A 210 11.09 -31.98 -13.04
N ASP A 211 10.15 -32.81 -12.62
CA ASP A 211 9.89 -34.08 -13.29
C ASP A 211 9.32 -33.83 -14.68
N PRO A 212 10.01 -34.28 -15.72
CA PRO A 212 9.62 -34.12 -17.13
C PRO A 212 8.19 -34.61 -17.42
N ASN A 213 7.73 -35.63 -16.69
CA ASN A 213 6.40 -36.19 -16.95
C ASN A 213 5.28 -35.31 -16.42
N THR A 214 5.57 -34.49 -15.41
CA THR A 214 4.51 -33.73 -14.75
C THR A 214 4.72 -32.20 -14.70
N ARG A 215 5.91 -31.71 -15.07
CA ARG A 215 6.16 -30.27 -15.00
C ARG A 215 5.53 -29.52 -16.16
N ARG A 216 5.51 -28.19 -16.06
CA ARG A 216 5.15 -27.35 -17.19
C ARG A 216 6.36 -26.48 -17.55
N LEU A 217 7.18 -26.99 -18.47
CA LEU A 217 8.44 -26.34 -18.83
C LEU A 217 8.18 -25.61 -20.13
N VAL A 218 8.39 -24.30 -20.13
CA VAL A 218 8.04 -23.51 -21.30
C VAL A 218 9.31 -23.07 -22.01
N GLN A 219 9.38 -23.33 -23.31
CA GLN A 219 10.53 -22.93 -24.09
C GLN A 219 10.38 -21.47 -24.51
N LEU A 220 11.43 -20.67 -24.35
CA LEU A 220 11.37 -19.26 -24.71
C LEU A 220 11.87 -18.98 -26.13
N ASP A 221 11.11 -18.19 -26.88
CA ASP A 221 11.46 -17.84 -28.26
C ASP A 221 12.01 -16.43 -28.35
N LEU A 222 13.06 -16.27 -29.12
CA LEU A 222 13.58 -14.94 -29.38
C LEU A 222 12.68 -14.17 -30.36
N ASP A 223 12.11 -14.89 -31.32
CA ASP A 223 11.26 -14.26 -32.34
C ASP A 223 12.04 -13.23 -33.14
N ASP A 224 11.42 -12.08 -33.39
CA ASP A 224 12.13 -10.97 -34.01
C ASP A 224 13.06 -10.33 -32.97
N ALA A 225 14.36 -10.52 -33.14
CA ALA A 225 15.34 -10.03 -32.16
C ALA A 225 15.36 -8.52 -32.03
N HIS A 226 14.93 -7.81 -33.07
CA HIS A 226 14.94 -6.35 -33.01
C HIS A 226 13.75 -5.85 -32.20
N LEU A 227 12.59 -6.47 -32.36
CA LEU A 227 11.43 -6.06 -31.58
C LEU A 227 11.65 -6.47 -30.13
N THR A 228 12.23 -7.64 -29.93
CA THR A 228 12.53 -8.10 -28.58
C THR A 228 13.43 -7.11 -27.85
N ALA A 229 14.54 -6.74 -28.49
CA ALA A 229 15.46 -5.75 -27.93
C ALA A 229 14.74 -4.43 -27.65
N GLY A 230 13.85 -4.04 -28.55
CA GLY A 230 13.08 -2.82 -28.36
C GLY A 230 12.25 -2.87 -27.09
N LEU A 231 11.55 -3.99 -26.90
CA LEU A 231 10.75 -4.15 -25.72
C LEU A 231 11.64 -4.16 -24.45
N LEU A 232 12.74 -4.90 -24.50
CA LEU A 232 13.63 -4.97 -23.34
C LEU A 232 14.33 -3.65 -23.06
N ASP A 233 14.65 -2.87 -24.11
CA ASP A 233 15.15 -1.52 -23.90
C ASP A 233 14.20 -0.74 -23.01
N LYS A 234 12.91 -0.86 -23.29
CA LYS A 234 11.90 -0.09 -22.56
C LYS A 234 11.85 -0.52 -21.09
N LEU A 235 11.94 -1.82 -20.86
CA LEU A 235 11.85 -2.33 -19.49
C LEU A 235 13.10 -1.97 -18.67
N LEU A 236 14.26 -1.99 -19.32
CA LEU A 236 15.51 -2.11 -18.60
C LEU A 236 16.57 -1.02 -18.84
N ALA A 237 16.42 -0.24 -19.89
CA ALA A 237 17.44 0.75 -20.24
C ALA A 237 17.18 2.10 -19.59
N LYS A 238 18.25 2.74 -19.12
CA LYS A 238 18.16 4.00 -18.41
C LYS A 238 17.58 5.11 -19.29
N LYS A 239 18.04 5.19 -20.54
CA LYS A 239 17.53 6.21 -21.46
C LYS A 239 16.05 6.05 -21.84
N ARG A 240 15.42 4.94 -21.44
CA ARG A 240 14.01 4.72 -21.75
C ARG A 240 13.12 5.03 -20.57
N ALA A 241 13.68 5.69 -19.55
CA ALA A 241 12.92 6.04 -18.36
C ALA A 241 11.55 6.62 -18.72
N ALA A 242 11.51 7.54 -19.66
CA ALA A 242 10.26 8.21 -20.02
C ALA A 242 9.27 7.22 -20.65
N ASP A 243 9.78 6.38 -21.55
CA ASP A 243 8.96 5.34 -22.17
C ASP A 243 8.39 4.37 -21.12
N ARG A 244 9.22 3.98 -20.16
CA ARG A 244 8.85 3.04 -19.12
C ARG A 244 7.77 3.64 -18.25
N LYS A 245 7.94 4.89 -17.84
CA LYS A 245 6.90 5.55 -17.06
C LYS A 245 5.56 5.59 -17.79
N GLN A 246 5.58 5.90 -19.08
CA GLN A 246 4.33 5.95 -19.85
C GLN A 246 3.68 4.57 -19.96
N TRP A 247 4.50 3.56 -20.20
CA TRP A 247 4.07 2.16 -20.18
C TRP A 247 3.36 1.78 -18.87
N LEU A 248 3.92 2.16 -17.73
CA LEU A 248 3.28 1.89 -16.43
C LEU A 248 1.93 2.62 -16.29
N GLU A 249 1.90 3.86 -16.74
CA GLU A 249 0.70 4.67 -16.68
C GLU A 249 -0.40 4.17 -17.60
N GLN A 250 -0.03 3.46 -18.66
CA GLN A 250 -1.04 2.93 -19.58
C GLN A 250 -1.48 1.51 -19.21
N LYS A 251 -0.54 0.67 -18.77
CA LYS A 251 -0.78 -0.76 -18.58
C LYS A 251 -0.78 -1.21 -17.11
N GLY A 252 -0.50 -0.28 -16.21
CA GLY A 252 -0.31 -0.63 -14.81
C GLY A 252 -1.44 -1.43 -14.20
N ASN A 253 -2.67 -1.12 -14.59
CA ASN A 253 -3.83 -1.85 -14.08
C ASN A 253 -3.83 -3.33 -14.46
N LEU A 254 -3.03 -3.70 -15.46
CA LEU A 254 -3.00 -5.08 -15.94
C LEU A 254 -2.06 -6.01 -15.17
N ALA A 255 -1.30 -5.48 -14.22
CA ALA A 255 -0.42 -6.35 -13.44
C ALA A 255 -1.29 -7.40 -12.75
N ASP A 256 -0.88 -8.66 -12.83
CA ASP A 256 -1.67 -9.76 -12.27
C ASP A 256 -2.22 -9.42 -10.89
N GLU A 274 5.34 -26.68 -25.35
CA GLU A 274 4.74 -25.36 -25.17
C GLU A 274 5.77 -24.24 -25.30
N ASN A 275 5.38 -23.16 -25.97
CA ASN A 275 6.32 -22.11 -26.33
C ASN A 275 5.81 -20.75 -25.98
N ARG A 276 6.71 -19.85 -25.64
CA ARG A 276 6.31 -18.49 -25.37
C ARG A 276 7.40 -17.52 -25.75
N SER A 277 6.99 -16.39 -26.33
CA SER A 277 7.93 -15.35 -26.69
C SER A 277 8.58 -14.79 -25.43
N VAL A 278 9.89 -14.57 -25.49
CA VAL A 278 10.62 -14.00 -24.37
C VAL A 278 10.18 -12.56 -24.12
N ALA A 279 9.83 -11.84 -25.19
CA ALA A 279 9.37 -10.46 -25.05
C ALA A 279 8.05 -10.40 -24.26
N GLU A 280 7.13 -11.32 -24.56
N GLU A 280 7.13 -11.31 -24.55
CA GLU A 280 5.84 -11.35 -23.89
CA GLU A 280 5.84 -11.33 -23.88
C GLU A 280 6.01 -11.77 -22.44
C GLU A 280 6.01 -11.78 -22.43
N PHE A 281 6.85 -12.79 -22.22
CA PHE A 281 7.13 -13.27 -20.88
C PHE A 281 7.73 -12.19 -19.96
N THR A 282 8.77 -11.52 -20.43
CA THR A 282 9.44 -10.53 -19.60
C THR A 282 8.62 -9.27 -19.43
N GLU A 283 7.89 -8.87 -20.45
CA GLU A 283 7.01 -7.70 -20.27
C GLU A 283 6.00 -7.94 -19.15
N GLN A 284 5.42 -9.13 -19.10
N GLN A 284 5.46 -9.15 -19.13
CA GLN A 284 4.40 -9.36 -18.09
CA GLN A 284 4.43 -9.54 -18.18
C GLN A 284 5.04 -9.59 -16.72
C GLN A 284 5.02 -9.63 -16.77
N ALA A 285 6.17 -10.28 -16.67
CA ALA A 285 6.87 -10.48 -15.41
C ALA A 285 7.31 -9.13 -14.81
N TYR A 286 7.83 -8.25 -15.65
CA TYR A 286 8.37 -7.02 -15.13
C TYR A 286 7.26 -6.05 -14.80
N LEU A 287 6.19 -6.06 -15.58
CA LEU A 287 4.99 -5.30 -15.22
C LEU A 287 4.52 -5.69 -13.83
N ASN A 288 4.43 -6.98 -13.57
N ASN A 288 4.43 -6.99 -13.56
CA ASN A 288 3.96 -7.46 -12.28
CA ASN A 288 3.97 -7.47 -12.26
C ASN A 288 4.89 -7.04 -11.14
C ASN A 288 4.90 -7.01 -11.15
N TYR A 289 6.20 -7.22 -11.34
CA TYR A 289 7.21 -6.76 -10.38
C TYR A 289 7.13 -5.26 -10.12
N ALA A 290 7.13 -4.46 -11.19
CA ALA A 290 7.16 -3.02 -11.05
C ALA A 290 5.92 -2.46 -10.33
N MET A 291 4.73 -2.91 -10.73
CA MET A 291 3.51 -2.44 -10.08
C MET A 291 3.44 -2.86 -8.62
N TYR A 292 3.98 -4.04 -8.32
CA TYR A 292 4.00 -4.49 -6.93
C TYR A 292 4.81 -3.57 -6.03
N VAL A 293 6.05 -3.30 -6.41
CA VAL A 293 6.92 -2.43 -5.61
C VAL A 293 6.45 -0.97 -5.61
N ILE A 294 5.93 -0.48 -6.73
CA ILE A 294 5.42 0.87 -6.78
C ILE A 294 4.25 1.06 -5.82
N MET A 295 3.35 0.09 -5.77
CA MET A 295 2.21 0.19 -4.85
C MET A 295 2.62 -0.11 -3.43
N ASP A 296 3.71 -0.87 -3.28
CA ASP A 296 4.17 -1.21 -1.94
C ASP A 296 4.91 -0.06 -1.26
N ARG A 297 5.81 0.59 -2.02
CA ARG A 297 6.73 1.56 -1.43
C ARG A 297 6.46 3.01 -1.83
N ALA A 298 5.80 3.21 -2.96
CA ALA A 298 5.76 4.56 -3.55
C ALA A 298 4.38 5.22 -3.60
N LEU A 299 3.49 4.73 -4.48
CA LEU A 299 2.20 5.40 -4.72
C LEU A 299 1.04 4.83 -3.93
N PRO A 300 0.37 5.68 -3.13
CA PRO A 300 -0.80 5.19 -2.41
C PRO A 300 -2.01 5.15 -3.34
N HIS A 301 -3.08 4.52 -2.87
CA HIS A 301 -4.34 4.52 -3.60
C HIS A 301 -5.09 5.81 -3.34
N ILE A 302 -5.67 6.36 -4.40
CA ILE A 302 -6.41 7.62 -4.27
C ILE A 302 -7.56 7.48 -3.28
N SER A 303 -8.19 6.31 -3.20
CA SER A 303 -9.42 6.18 -2.40
C SER A 303 -9.21 6.51 -0.92
N ASP A 304 -8.15 6.00 -0.32
CA ASP A 304 -7.97 6.19 1.11
C ASP A 304 -6.59 6.79 1.47
N GLY A 305 -5.77 7.05 0.46
CA GLY A 305 -4.46 7.68 0.66
C GLY A 305 -3.39 6.77 1.24
N LEU A 306 -3.64 5.46 1.22
CA LEU A 306 -2.74 4.50 1.86
C LEU A 306 -2.01 3.57 0.90
N LYS A 307 -0.88 3.06 1.36
CA LYS A 307 -0.22 1.92 0.76
C LYS A 307 -0.59 0.68 1.59
N PRO A 308 -0.43 -0.53 1.04
CA PRO A 308 -0.77 -1.78 1.73
C PRO A 308 -0.30 -1.87 3.19
N VAL A 309 0.98 -1.63 3.48
CA VAL A 309 1.43 -1.81 4.85
C VAL A 309 0.68 -0.87 5.80
N GLN A 310 0.38 0.33 5.33
CA GLN A 310 -0.37 1.29 6.15
C GLN A 310 -1.81 0.85 6.35
N ARG A 311 -2.44 0.40 5.26
CA ARG A 311 -3.81 -0.08 5.32
C ARG A 311 -3.91 -1.30 6.21
N ARG A 312 -2.91 -2.18 6.13
CA ARG A 312 -2.88 -3.38 6.96
C ARG A 312 -2.68 -3.10 8.44
N ILE A 313 -1.85 -2.10 8.75
CA ILE A 313 -1.71 -1.65 10.14
C ILE A 313 -3.05 -1.15 10.70
N VAL A 314 -3.70 -0.25 9.96
CA VAL A 314 -4.94 0.36 10.43
C VAL A 314 -6.03 -0.71 10.55
N TYR A 315 -6.14 -1.58 9.55
CA TYR A 315 -7.08 -2.68 9.62
C TYR A 315 -6.76 -3.64 10.79
N ALA A 316 -5.50 -4.07 10.90
CA ALA A 316 -5.10 -4.95 11.99
C ALA A 316 -5.44 -4.35 13.36
N MET A 317 -5.21 -3.06 13.54
CA MET A 317 -5.52 -2.39 14.83
C MET A 317 -7.02 -2.33 15.09
N SER A 318 -7.80 -2.19 14.01
CA SER A 318 -9.24 -2.21 14.12
C SER A 318 -9.72 -3.56 14.64
N GLU A 319 -9.20 -4.65 14.04
CA GLU A 319 -9.55 -6.00 14.45
C GLU A 319 -9.09 -6.32 15.86
N LEU A 320 -7.98 -5.71 16.28
CA LEU A 320 -7.47 -5.91 17.62
C LEU A 320 -8.35 -5.16 18.65
N GLY A 321 -9.32 -4.39 18.15
CA GLY A 321 -10.21 -3.62 19.01
C GLY A 321 -9.61 -2.31 19.53
N LEU A 322 -8.56 -1.82 18.87
CA LEU A 322 -7.82 -0.68 19.42
C LEU A 322 -8.47 0.68 19.14
N LYS A 323 -9.76 0.78 19.47
N LYS A 323 -9.76 0.78 19.47
CA LYS A 323 -10.51 2.02 19.31
CA LYS A 323 -10.49 2.04 19.29
C LYS A 323 -9.90 3.17 20.14
C LYS A 323 -9.86 3.16 20.11
N SER A 324 -10.03 4.39 19.64
CA SER A 324 -9.43 5.55 20.30
C SER A 324 -9.95 5.77 21.72
N SER A 325 -11.15 5.29 21.99
CA SER A 325 -11.78 5.47 23.29
C SER A 325 -11.25 4.52 24.38
N GLY A 326 -10.49 3.51 23.99
CA GLY A 326 -9.97 2.55 24.95
C GLY A 326 -8.49 2.69 25.27
N LYS A 327 -7.92 1.65 25.86
CA LYS A 327 -6.49 1.62 26.17
C LYS A 327 -5.65 1.27 24.95
N PRO A 328 -4.46 1.87 24.84
CA PRO A 328 -3.49 1.41 23.86
C PRO A 328 -2.87 0.07 24.30
N LYS A 329 -2.24 -0.63 23.36
CA LYS A 329 -1.42 -1.79 23.69
C LYS A 329 -0.02 -1.51 23.17
N LYS A 330 0.97 -2.29 23.61
CA LYS A 330 2.33 -2.13 23.07
C LYS A 330 2.28 -2.20 21.56
N SER A 331 3.08 -1.38 20.89
CA SER A 331 3.14 -1.43 19.45
C SER A 331 3.46 -2.83 18.96
N ALA A 332 4.32 -3.56 19.69
CA ALA A 332 4.66 -4.96 19.34
C ALA A 332 3.43 -5.81 19.04
N ARG A 333 2.37 -5.60 19.80
CA ARG A 333 1.19 -6.43 19.62
C ARG A 333 0.60 -6.26 18.21
N THR A 334 0.52 -5.01 17.76
CA THR A 334 0.04 -4.69 16.42
C THR A 334 1.00 -5.17 15.34
N VAL A 335 2.29 -4.93 15.57
CA VAL A 335 3.29 -5.37 14.59
C VAL A 335 3.24 -6.88 14.40
N GLY A 336 3.15 -7.61 15.51
CA GLY A 336 3.10 -9.07 15.45
C GLY A 336 1.89 -9.56 14.67
N ASP A 337 0.74 -8.93 14.88
CA ASP A 337 -0.45 -9.30 14.13
C ASP A 337 -0.37 -8.93 12.66
N VAL A 338 0.16 -7.76 12.35
CA VAL A 338 0.41 -7.40 10.96
C VAL A 338 1.38 -8.41 10.31
N LEU A 339 2.51 -8.67 10.95
CA LEU A 339 3.49 -9.61 10.39
C LEU A 339 2.89 -11.01 10.21
N GLY A 340 2.04 -11.41 11.13
CA GLY A 340 1.56 -12.78 11.10
C GLY A 340 0.38 -13.00 10.18
N LYS A 341 -0.35 -11.93 9.85
CA LYS A 341 -1.62 -12.09 9.16
C LYS A 341 -1.74 -11.34 7.83
N TYR A 342 -1.04 -10.22 7.70
CA TYR A 342 -1.30 -9.35 6.58
C TYR A 342 -0.08 -8.91 5.77
N HIS A 343 1.01 -8.56 6.46
CA HIS A 343 2.20 -8.00 5.80
C HIS A 343 3.48 -8.60 6.36
N PRO A 344 3.78 -9.86 5.97
CA PRO A 344 4.90 -10.65 6.48
C PRO A 344 6.25 -10.28 5.84
N HIS A 345 6.71 -9.05 6.06
CA HIS A 345 7.88 -8.54 5.36
C HIS A 345 8.83 -7.76 6.26
N GLY A 346 9.05 -8.22 7.49
CA GLY A 346 10.06 -7.59 8.33
C GLY A 346 9.43 -6.68 9.38
N ASP A 347 9.78 -6.93 10.64
CA ASP A 347 9.19 -6.18 11.74
C ASP A 347 9.51 -4.69 11.63
N SER A 348 10.67 -4.39 11.07
CA SER A 348 11.13 -3.02 10.95
C SER A 348 10.30 -2.21 10.00
N ALA A 349 10.05 -2.76 8.83
CA ALA A 349 9.26 -2.03 7.84
C ALA A 349 7.85 -1.77 8.36
N CYS A 350 7.27 -2.72 9.09
CA CYS A 350 5.96 -2.48 9.65
C CYS A 350 6.00 -1.37 10.72
N TYR A 351 6.95 -1.48 11.64
CA TYR A 351 6.98 -0.55 12.77
C TYR A 351 7.35 0.88 12.34
N GLU A 352 8.33 1.02 11.46
CA GLU A 352 8.63 2.35 10.92
C GLU A 352 7.42 3.01 10.30
N ALA A 353 6.58 2.23 9.60
CA ALA A 353 5.35 2.81 9.02
C ALA A 353 4.37 3.25 10.11
N MET A 354 4.27 2.47 11.20
CA MET A 354 3.42 2.85 12.34
C MET A 354 3.86 4.17 12.95
N VAL A 355 5.14 4.26 13.27
CA VAL A 355 5.75 5.47 13.83
C VAL A 355 5.38 6.70 13.02
N LEU A 356 5.57 6.65 11.70
CA LEU A 356 5.26 7.79 10.86
C LEU A 356 3.82 8.28 11.10
N MET A 357 2.88 7.36 11.16
CA MET A 357 1.50 7.78 11.31
C MET A 357 1.09 8.09 12.74
N ALA A 358 1.99 7.83 13.69
CA ALA A 358 1.81 8.31 15.06
C ALA A 358 2.49 9.69 15.34
N GLN A 359 3.50 10.06 14.58
CA GLN A 359 4.22 11.32 14.87
C GLN A 359 3.38 12.55 14.50
N PRO A 360 3.07 13.40 15.48
CA PRO A 360 2.26 14.59 15.20
C PRO A 360 3.03 15.64 14.38
N PHE A 361 4.35 15.53 14.35
CA PHE A 361 5.13 16.39 13.47
C PHE A 361 5.29 15.81 12.06
N SER A 362 4.85 14.57 11.84
CA SER A 362 4.98 13.93 10.51
C SER A 362 3.64 13.84 9.82
N TYR A 363 2.65 13.30 10.53
CA TYR A 363 1.30 13.20 10.01
C TYR A 363 0.44 14.38 10.47
N ARG A 364 -0.11 15.10 9.49
CA ARG A 364 -0.99 16.24 9.72
C ARG A 364 -2.22 15.83 10.54
N TYR A 365 -2.71 14.62 10.28
CA TYR A 365 -3.80 14.01 11.05
C TYR A 365 -3.39 12.59 11.42
N PRO A 366 -2.69 12.43 12.55
CA PRO A 366 -2.18 11.11 12.95
C PRO A 366 -3.26 10.04 12.88
N LEU A 367 -2.92 8.87 12.34
CA LEU A 367 -3.84 7.72 12.36
C LEU A 367 -3.74 6.94 13.66
N ILE A 368 -2.67 7.17 14.40
CA ILE A 368 -2.35 6.34 15.55
C ILE A 368 -1.91 7.23 16.68
N GLU A 369 -2.11 6.80 17.92
CA GLU A 369 -1.63 7.57 19.04
C GLU A 369 -1.34 6.68 20.24
N GLY A 370 -0.57 7.21 21.18
CA GLY A 370 -0.33 6.51 22.42
C GLY A 370 0.95 6.96 23.09
N GLN A 371 1.10 6.61 24.36
CA GLN A 371 2.26 7.04 25.11
C GLN A 371 3.53 6.34 24.64
N GLY A 372 4.63 7.07 24.73
CA GLY A 372 5.92 6.50 24.43
C GLY A 372 6.77 7.54 23.72
N ASN A 373 8.05 7.20 23.56
CA ASN A 373 8.94 8.07 22.85
C ASN A 373 8.83 7.78 21.36
N TRP A 374 7.99 8.55 20.67
CA TRP A 374 7.81 8.36 19.23
C TRP A 374 8.82 9.17 18.42
N GLY A 375 9.78 9.77 19.12
CA GLY A 375 10.82 10.54 18.45
C GLY A 375 10.44 11.99 18.38
N SER A 376 11.22 12.78 17.65
CA SER A 376 10.96 14.21 17.56
C SER A 376 11.48 14.78 16.23
N PRO A 377 11.07 16.02 15.90
CA PRO A 377 11.54 16.66 14.66
C PRO A 377 13.06 16.76 14.61
N ASP A 378 13.72 16.80 15.76
CA ASP A 378 15.18 16.83 15.78
C ASP A 378 15.73 15.64 15.03
N ASP A 379 15.04 14.51 15.14
CA ASP A 379 15.42 13.27 14.45
C ASP A 379 14.25 12.28 14.45
N PRO A 380 13.44 12.31 13.39
CA PRO A 380 12.21 11.51 13.35
C PRO A 380 12.47 10.02 13.23
N LYS A 381 13.72 9.64 13.02
N LYS A 381 13.72 9.63 13.02
CA LYS A 381 14.10 8.22 12.91
CA LYS A 381 14.08 8.22 12.93
C LYS A 381 14.70 7.68 14.22
C LYS A 381 14.60 7.66 14.26
N SER A 382 14.75 8.53 15.26
CA SER A 382 15.21 8.09 16.58
C SER A 382 14.01 7.99 17.53
N PHE A 383 13.64 6.77 17.86
CA PHE A 383 12.45 6.54 18.64
C PHE A 383 12.62 5.23 19.39
N ALA A 384 11.80 5.01 20.42
CA ALA A 384 11.90 3.79 21.22
C ALA A 384 11.36 2.56 20.50
N ALA A 385 11.90 1.40 20.88
CA ALA A 385 11.54 0.12 20.28
C ALA A 385 10.05 -0.24 20.49
N MET A 386 9.53 -1.13 19.66
CA MET A 386 8.10 -1.45 19.68
C MET A 386 7.63 -2.17 20.94
N ARG A 387 8.54 -2.79 21.69
CA ARG A 387 8.15 -3.37 22.98
C ARG A 387 7.85 -2.32 24.06
N TYR A 388 8.27 -1.07 23.83
CA TYR A 388 8.00 -0.02 24.81
C TYR A 388 6.85 0.91 24.45
N THR A 389 6.84 1.44 23.22
CA THR A 389 5.83 2.42 22.86
C THR A 389 4.46 1.76 22.85
N GLU A 390 3.43 2.57 23.03
CA GLU A 390 2.07 2.05 23.05
C GLU A 390 1.25 2.75 21.97
N ALA A 391 0.36 1.98 21.33
CA ALA A 391 -0.41 2.50 20.19
C ALA A 391 -1.87 2.03 20.15
N LYS A 392 -2.78 2.96 19.90
CA LYS A 392 -4.13 2.60 19.52
C LYS A 392 -4.51 3.52 18.35
N LEU A 393 -5.68 3.31 17.76
CA LEU A 393 -6.15 4.17 16.70
C LEU A 393 -6.55 5.54 17.22
N SER A 394 -6.29 6.58 16.44
CA SER A 394 -6.79 7.91 16.75
C SER A 394 -8.26 8.01 16.37
N ALA A 395 -8.95 9.01 16.91
CA ALA A 395 -10.35 9.24 16.58
C ALA A 395 -10.49 9.53 15.08
N TYR A 396 -9.56 10.30 14.54
CA TYR A 396 -9.54 10.60 13.12
C TYR A 396 -9.65 9.34 12.27
N SER A 397 -8.99 8.28 12.71
CA SER A 397 -8.98 7.04 11.92
C SER A 397 -10.38 6.41 11.71
N GLU A 398 -11.36 6.83 12.51
CA GLU A 398 -12.77 6.48 12.28
C GLU A 398 -13.26 6.86 10.88
N LEU A 399 -12.72 7.94 10.34
CA LEU A 399 -13.06 8.40 9.01
C LEU A 399 -12.66 7.37 7.95
N LEU A 400 -11.70 6.50 8.27
CA LEU A 400 -11.35 5.42 7.32
C LEU A 400 -12.05 4.12 7.64
N LEU A 401 -12.37 3.90 8.92
CA LEU A 401 -12.77 2.57 9.40
C LEU A 401 -14.24 2.39 9.74
N SER A 402 -14.91 3.47 10.12
CA SER A 402 -16.26 3.35 10.68
C SER A 402 -17.24 2.60 9.76
N GLU A 403 -17.08 2.73 8.45
CA GLU A 403 -18.03 2.09 7.54
C GLU A 403 -17.55 0.73 7.01
N LEU A 404 -16.41 0.26 7.51
CA LEU A 404 -15.82 -0.98 7.00
C LEU A 404 -16.78 -2.18 7.07
N GLY A 405 -17.49 -2.32 8.18
CA GLY A 405 -18.42 -3.44 8.33
C GLY A 405 -19.80 -3.26 7.73
N GLN A 406 -19.96 -2.29 6.81
CA GLN A 406 -21.28 -1.95 6.27
C GLN A 406 -21.37 -2.15 4.76
N GLY A 407 -20.68 -3.17 4.27
CA GLY A 407 -20.82 -3.59 2.90
C GLY A 407 -20.27 -2.59 1.89
N THR A 408 -19.27 -1.80 2.29
CA THR A 408 -18.74 -0.72 1.46
C THR A 408 -17.49 -1.09 0.66
N SER A 409 -16.70 -2.04 1.16
CA SER A 409 -15.41 -2.34 0.56
C SER A 409 -15.36 -3.67 -0.21
N GLU A 410 -14.41 -3.78 -1.12
CA GLU A 410 -14.08 -5.08 -1.69
C GLU A 410 -13.00 -5.76 -0.83
N TRP A 411 -13.08 -7.08 -0.71
CA TRP A 411 -12.17 -7.84 0.13
C TRP A 411 -11.41 -8.87 -0.70
N GLN A 412 -10.26 -9.30 -0.21
CA GLN A 412 -9.43 -10.26 -0.94
C GLN A 412 -8.76 -11.15 0.09
N ASP A 413 -8.25 -12.29 -0.35
CA ASP A 413 -7.44 -13.17 0.49
C ASP A 413 -6.23 -12.43 1.02
N ASN A 414 -5.85 -12.69 2.28
CA ASN A 414 -4.55 -12.24 2.75
C ASN A 414 -3.45 -13.11 2.11
N PHE A 415 -2.20 -12.93 2.49
CA PHE A 415 -1.11 -13.56 1.75
C PHE A 415 -1.13 -15.09 1.66
N ASP A 416 -1.75 -15.75 2.63
CA ASP A 416 -1.78 -17.20 2.65
C ASP A 416 -3.19 -17.83 2.57
N GLY A 417 -4.21 -17.02 2.34
CA GLY A 417 -5.56 -17.55 2.07
C GLY A 417 -6.38 -17.88 3.30
N SER A 418 -5.84 -17.63 4.48
CA SER A 418 -6.54 -17.99 5.70
C SER A 418 -7.49 -16.89 6.23
N LEU A 419 -7.38 -15.69 5.68
CA LEU A 419 -8.19 -14.57 6.15
C LEU A 419 -8.53 -13.69 4.96
N LYS A 420 -9.46 -12.77 5.15
CA LYS A 420 -9.75 -11.75 4.15
C LYS A 420 -9.22 -10.41 4.65
N GLU A 421 -8.94 -9.51 3.73
CA GLU A 421 -8.55 -8.18 4.11
C GLU A 421 -9.16 -7.22 3.09
N PRO A 422 -9.42 -5.98 3.49
CA PRO A 422 -10.02 -5.00 2.57
C PRO A 422 -9.01 -4.52 1.56
N ILE A 423 -9.46 -4.32 0.32
CA ILE A 423 -8.57 -3.88 -0.74
C ILE A 423 -8.35 -2.37 -0.61
N THR A 424 -9.44 -1.66 -0.31
CA THR A 424 -9.39 -0.26 0.11
C THR A 424 -10.27 -0.03 1.34
N LEU A 425 -9.99 1.06 2.05
CA LEU A 425 -10.80 1.45 3.21
C LEU A 425 -11.83 2.48 2.76
N PRO A 426 -13.04 2.44 3.35
CA PRO A 426 -14.13 3.30 2.89
C PRO A 426 -14.03 4.72 3.46
N ALA A 427 -13.03 5.47 3.03
CA ALA A 427 -12.72 6.81 3.54
C ALA A 427 -13.90 7.79 3.47
N ARG A 428 -14.14 8.54 4.54
CA ARG A 428 -15.20 9.55 4.55
C ARG A 428 -14.68 10.94 4.12
N VAL A 429 -13.35 11.07 4.04
CA VAL A 429 -12.70 12.29 3.54
C VAL A 429 -11.49 11.93 2.70
N PRO A 430 -11.03 12.84 1.83
CA PRO A 430 -9.91 12.53 0.93
C PRO A 430 -8.59 12.54 1.67
N ASN A 431 -8.41 11.53 2.51
CA ASN A 431 -7.21 11.40 3.33
C ASN A 431 -5.91 11.48 2.50
N ILE A 432 -5.98 11.08 1.22
CA ILE A 432 -4.85 11.24 0.28
C ILE A 432 -4.22 12.66 0.33
N LEU A 433 -5.06 13.69 0.43
CA LEU A 433 -4.52 15.04 0.44
C LEU A 433 -4.22 15.51 1.87
N LEU A 434 -4.88 14.90 2.85
CA LEU A 434 -4.79 15.40 4.21
C LEU A 434 -3.49 15.03 4.90
N ASN A 435 -2.99 13.83 4.61
CA ASN A 435 -1.77 13.34 5.25
C ASN A 435 -0.64 13.23 4.22
N GLY A 436 -1.01 13.18 2.95
CA GLY A 436 -0.04 13.19 1.87
C GLY A 436 0.73 11.90 1.80
N THR A 437 1.89 11.93 1.15
CA THR A 437 2.67 10.71 0.94
C THR A 437 4.05 10.99 0.29
N THR A 438 4.94 10.01 0.37
CA THR A 438 6.27 10.16 -0.21
C THR A 438 6.91 8.78 -0.46
N GLY A 439 7.64 8.63 -1.56
CA GLY A 439 8.28 7.35 -1.86
C GLY A 439 8.68 7.29 -3.32
N ILE A 440 9.50 6.30 -3.66
CA ILE A 440 9.90 6.09 -5.06
C ILE A 440 10.15 4.61 -5.31
N ALA A 441 9.81 4.15 -6.50
CA ALA A 441 10.20 2.81 -6.90
C ALA A 441 10.25 2.74 -8.39
N VAL A 442 11.25 2.02 -8.89
CA VAL A 442 11.51 1.91 -10.31
C VAL A 442 11.31 3.26 -11.02
N GLY A 443 11.93 4.29 -10.46
CA GLY A 443 11.93 5.59 -11.10
C GLY A 443 10.65 6.38 -10.95
N MET A 444 9.62 5.77 -10.36
CA MET A 444 8.34 6.44 -10.26
C MET A 444 8.11 6.95 -8.84
N ALA A 445 8.06 8.27 -8.71
CA ALA A 445 8.09 8.92 -7.41
C ALA A 445 6.79 9.62 -7.10
N THR A 446 6.53 9.87 -5.82
CA THR A 446 5.39 10.68 -5.43
C THR A 446 5.83 11.58 -4.28
N ASP A 447 5.18 12.73 -4.15
CA ASP A 447 5.47 13.66 -3.06
C ASP A 447 4.25 14.52 -2.86
N ILE A 448 3.35 14.05 -2.01
CA ILE A 448 2.09 14.73 -1.74
C ILE A 448 2.18 15.39 -0.37
N PRO A 449 2.05 16.73 -0.31
CA PRO A 449 2.05 17.42 0.98
C PRO A 449 0.69 17.28 1.64
N PRO A 450 0.65 17.39 2.98
CA PRO A 450 -0.59 17.41 3.74
C PRO A 450 -1.38 18.70 3.49
N HIS A 451 -2.69 18.64 3.68
CA HIS A 451 -3.55 19.79 3.51
C HIS A 451 -4.51 19.89 4.67
N ASN A 452 -5.19 21.02 4.78
CA ASN A 452 -6.11 21.23 5.87
C ASN A 452 -7.45 20.56 5.56
N LEU A 453 -7.96 19.82 6.54
CA LEU A 453 -9.17 19.06 6.35
C LEU A 453 -10.37 19.96 6.01
N ARG A 454 -10.53 21.08 6.71
CA ARG A 454 -11.68 21.92 6.46
C ARG A 454 -11.63 22.62 5.10
N GLU A 455 -10.43 23.03 4.67
CA GLU A 455 -10.28 23.68 3.39
C GLU A 455 -10.58 22.67 2.28
N VAL A 456 -10.03 21.46 2.42
CA VAL A 456 -10.28 20.41 1.44
C VAL A 456 -11.76 20.02 1.38
N VAL A 457 -12.43 19.98 2.52
CA VAL A 457 -13.85 19.66 2.50
C VAL A 457 -14.62 20.77 1.77
N LYS A 458 -14.27 22.03 2.00
CA LYS A 458 -14.92 23.15 1.31
C LYS A 458 -14.74 23.01 -0.21
N GLY A 459 -13.53 22.64 -0.62
CA GLY A 459 -13.24 22.46 -2.02
C GLY A 459 -14.03 21.33 -2.62
N THR A 460 -14.12 20.22 -1.88
CA THR A 460 -14.78 19.01 -2.32
C THR A 460 -16.27 19.26 -2.48
N ILE A 461 -16.84 19.97 -1.52
CA ILE A 461 -18.25 20.31 -1.60
C ILE A 461 -18.53 21.21 -2.81
N ALA A 462 -17.67 22.20 -3.04
CA ALA A 462 -17.81 23.04 -4.22
C ALA A 462 -17.81 22.18 -5.48
N LEU A 463 -16.90 21.23 -5.54
CA LEU A 463 -16.75 20.36 -6.72
C LEU A 463 -17.95 19.42 -6.91
N ILE A 464 -18.60 19.05 -5.81
CA ILE A 464 -19.81 18.25 -5.91
C ILE A 464 -20.95 19.11 -6.43
N ARG A 465 -21.08 20.32 -5.89
CA ARG A 465 -22.14 21.22 -6.35
C ARG A 465 -21.88 21.64 -7.79
N ASN A 466 -20.63 21.93 -8.11
CA ASN A 466 -20.29 22.31 -9.48
C ASN A 466 -18.97 21.73 -9.95
N PRO A 467 -19.04 20.61 -10.67
CA PRO A 467 -17.84 19.95 -11.21
C PRO A 467 -17.01 20.85 -12.12
N GLN A 468 -17.59 21.95 -12.62
CA GLN A 468 -16.86 22.86 -13.50
C GLN A 468 -16.17 23.99 -12.76
N THR A 469 -16.21 23.94 -11.43
CA THR A 469 -15.40 24.84 -10.63
C THR A 469 -13.99 24.80 -11.20
N SER A 470 -13.45 25.97 -11.49
CA SER A 470 -12.12 26.08 -12.11
C SER A 470 -11.02 25.81 -11.11
N ASP A 471 -9.84 25.47 -11.62
CA ASP A 471 -8.65 25.34 -10.80
C ASP A 471 -8.46 26.58 -9.92
N GLU A 472 -8.64 27.75 -10.52
CA GLU A 472 -8.42 29.01 -9.82
C GLU A 472 -9.47 29.28 -8.73
N LYS A 473 -10.71 28.89 -8.98
CA LYS A 473 -11.76 29.06 -7.97
C LYS A 473 -11.52 28.07 -6.81
N LEU A 474 -11.01 26.90 -7.16
CA LEU A 474 -10.70 25.89 -6.16
C LEU A 474 -9.59 26.41 -5.23
N ALA A 475 -8.65 27.18 -5.78
CA ALA A 475 -7.51 27.66 -4.99
C ALA A 475 -7.93 28.64 -3.90
N GLU A 476 -9.13 29.18 -4.02
CA GLU A 476 -9.68 30.03 -2.96
C GLU A 476 -10.10 29.19 -1.74
N TYR A 477 -10.60 27.99 -1.99
CA TYR A 477 -10.94 27.07 -0.92
C TYR A 477 -9.68 26.39 -0.37
N ILE A 478 -8.82 25.95 -1.28
CA ILE A 478 -7.57 25.28 -0.89
C ILE A 478 -6.35 26.07 -1.38
N PRO A 479 -5.89 27.04 -0.59
CA PRO A 479 -4.83 27.96 -1.04
C PRO A 479 -3.47 27.29 -1.18
N ALA A 480 -3.21 26.25 -0.38
CA ALA A 480 -1.86 25.73 -0.24
C ALA A 480 -1.89 24.49 0.61
N PRO A 481 -0.76 23.76 0.69
CA PRO A 481 -0.65 22.68 1.67
C PRO A 481 -0.77 23.27 3.06
N ASP A 482 -1.00 22.43 4.05
CA ASP A 482 -1.05 22.89 5.44
C ASP A 482 -0.29 21.90 6.31
N LEU A 483 0.86 22.33 6.81
CA LEU A 483 1.82 21.45 7.45
C LEU A 483 1.65 21.42 8.98
N PRO A 484 2.08 20.32 9.62
CA PRO A 484 2.04 20.20 11.09
C PRO A 484 3.10 21.10 11.73
N THR A 485 3.03 22.40 11.44
CA THR A 485 3.91 23.38 12.05
C THR A 485 3.30 24.76 11.81
N LYS A 486 3.62 25.71 12.66
CA LYS A 486 3.12 27.06 12.44
C LYS A 486 4.12 27.90 11.65
N ALA A 487 5.13 27.24 11.09
CA ALA A 487 6.06 27.94 10.21
C ALA A 487 5.26 28.48 9.02
N GLU A 488 5.90 29.28 8.19
CA GLU A 488 5.20 29.99 7.11
C GLU A 488 5.49 29.43 5.72
N ILE A 489 4.46 29.48 4.89
CA ILE A 489 4.61 29.22 3.47
C ILE A 489 4.77 30.55 2.78
N ILE A 490 5.85 30.71 2.03
CA ILE A 490 6.22 32.00 1.42
C ILE A 490 6.18 31.96 -0.10
N THR A 491 5.69 30.85 -0.65
CA THR A 491 5.55 30.69 -2.10
C THR A 491 4.40 31.57 -2.57
N PRO A 492 4.57 32.31 -3.68
CA PRO A 492 3.50 33.22 -4.14
C PRO A 492 2.28 32.45 -4.69
N PRO A 493 1.09 33.08 -4.64
CA PRO A 493 -0.19 32.48 -5.05
C PRO A 493 -0.16 31.87 -6.44
N GLU A 494 0.53 32.52 -7.36
CA GLU A 494 0.52 32.02 -8.72
C GLU A 494 1.41 30.78 -8.89
N GLU A 495 2.42 30.63 -8.04
CA GLU A 495 3.21 29.39 -8.05
C GLU A 495 2.47 28.25 -7.35
N LEU A 496 1.77 28.57 -6.27
CA LEU A 496 0.94 27.58 -5.60
C LEU A 496 -0.09 27.00 -6.57
N LEU A 497 -0.67 27.88 -7.40
CA LEU A 497 -1.69 27.50 -8.37
C LEU A 497 -1.13 26.55 -9.40
N LYS A 498 0.04 26.87 -9.93
CA LYS A 498 0.66 26.02 -10.94
C LYS A 498 0.95 24.62 -10.38
N ILE A 499 1.37 24.55 -9.12
CA ILE A 499 1.56 23.26 -8.48
C ILE A 499 0.25 22.50 -8.44
N GLN A 500 -0.83 23.17 -8.06
CA GLN A 500 -2.11 22.51 -7.97
C GLN A 500 -2.64 22.05 -9.32
N THR A 501 -2.44 22.85 -10.35
CA THR A 501 -3.02 22.53 -11.65
C THR A 501 -2.21 21.51 -12.41
N THR A 502 -0.90 21.51 -12.24
CA THR A 502 -0.10 20.55 -12.97
C THR A 502 0.26 19.30 -12.13
N GLY A 503 0.03 19.39 -10.83
CA GLY A 503 0.41 18.29 -9.96
C GLY A 503 1.90 18.24 -9.67
N ARG A 504 2.65 19.22 -10.14
CA ARG A 504 4.08 19.21 -9.82
C ARG A 504 4.67 20.62 -9.63
N GLY A 505 5.76 20.69 -8.90
CA GLY A 505 6.41 21.96 -8.64
C GLY A 505 7.09 21.92 -7.29
N SER A 506 7.17 23.08 -6.65
CA SER A 506 7.94 23.26 -5.42
C SER A 506 7.35 24.38 -4.57
N TYR A 507 7.32 24.22 -3.26
CA TYR A 507 6.98 25.35 -2.40
C TYR A 507 8.08 25.57 -1.35
N ARG A 508 8.03 26.71 -0.66
N ARG A 508 8.03 26.70 -0.66
CA ARG A 508 9.06 27.06 0.32
CA ARG A 508 9.05 27.05 0.32
C ARG A 508 8.43 27.47 1.64
C ARG A 508 8.43 27.47 1.64
N MET A 509 9.16 27.19 2.73
CA MET A 509 8.70 27.57 4.05
C MET A 509 9.82 28.29 4.82
N ARG A 510 9.42 29.12 5.77
CA ARG A 510 10.38 29.76 6.66
C ARG A 510 10.04 29.52 8.09
N ALA A 511 11.07 29.44 8.94
CA ALA A 511 10.89 29.44 10.38
C ALA A 511 10.22 30.74 10.81
N VAL A 512 9.53 30.69 11.95
CA VAL A 512 8.92 31.85 12.56
C VAL A 512 9.69 32.22 13.84
N TYR A 513 9.94 33.52 14.01
CA TYR A 513 10.72 34.02 15.14
C TYR A 513 10.19 35.34 15.64
N THR A 514 10.59 35.71 16.86
CA THR A 514 10.44 37.08 17.34
C THR A 514 11.79 37.56 17.85
N ILE A 515 11.89 38.86 18.08
CA ILE A 515 13.11 39.48 18.58
C ILE A 515 12.90 39.93 20.02
N GLU A 516 13.79 39.48 20.91
CA GLU A 516 13.76 39.89 22.30
C GLU A 516 15.14 40.38 22.70
N LYS A 517 15.24 41.66 23.05
CA LYS A 517 16.55 42.24 23.35
C LYS A 517 17.54 41.92 22.24
N ASN A 518 18.62 41.25 22.61
CA ASN A 518 19.65 40.85 21.65
C ASN A 518 19.50 39.42 21.16
N GLU A 519 18.31 38.86 21.28
CA GLU A 519 18.10 37.45 20.93
C GLU A 519 17.09 37.22 19.83
N ILE A 520 17.43 36.37 18.88
CA ILE A 520 16.45 35.87 17.93
C ILE A 520 15.85 34.59 18.50
N VAL A 521 14.53 34.56 18.62
CA VAL A 521 13.86 33.42 19.24
C VAL A 521 12.96 32.74 18.24
N ILE A 522 13.38 31.56 17.80
CA ILE A 522 12.61 30.81 16.82
C ILE A 522 11.69 29.81 17.51
N THR A 523 10.41 29.90 17.21
CA THR A 523 9.42 29.02 17.85
C THR A 523 8.79 27.99 16.91
N GLU A 524 9.02 28.13 15.61
CA GLU A 524 8.44 27.22 14.63
C GLU A 524 9.44 26.98 13.52
N LEU A 525 9.62 25.72 13.16
CA LEU A 525 10.50 25.32 12.08
C LEU A 525 9.70 24.86 10.87
N PRO A 526 10.30 24.95 9.68
CA PRO A 526 9.67 24.36 8.49
C PRO A 526 9.43 22.86 8.67
N TYR A 527 8.38 22.37 8.02
CA TYR A 527 8.05 20.95 7.98
C TYR A 527 9.30 20.11 7.74
N GLN A 528 9.50 19.10 8.59
CA GLN A 528 10.55 18.10 8.37
C GLN A 528 11.95 18.65 8.60
N VAL A 529 12.04 19.83 9.20
CA VAL A 529 13.35 20.41 9.50
C VAL A 529 13.74 20.14 10.97
N SER A 530 14.98 19.70 11.15
CA SER A 530 15.49 19.38 12.48
C SER A 530 16.18 20.57 13.16
N GLY A 531 15.70 20.94 14.34
CA GLY A 531 16.33 21.98 15.14
C GLY A 531 17.81 21.72 15.41
N SER A 532 18.18 20.46 15.68
CA SER A 532 19.56 20.11 15.97
C SER A 532 20.44 20.37 14.76
N LYS A 533 19.97 19.97 13.59
CA LYS A 533 20.70 20.24 12.35
C LYS A 533 20.84 21.74 12.13
N VAL A 534 19.75 22.48 12.27
CA VAL A 534 19.84 23.94 12.13
C VAL A 534 20.94 24.51 13.04
N ILE A 535 20.96 24.08 14.30
CA ILE A 535 21.95 24.57 15.25
C ILE A 535 23.37 24.24 14.76
N THR A 536 23.52 23.06 14.19
CA THR A 536 24.78 22.64 13.65
C THR A 536 25.21 23.51 12.46
N GLN A 537 24.26 23.86 11.59
CA GLN A 537 24.57 24.69 10.43
C GLN A 537 25.05 26.09 10.85
N ILE A 538 24.37 26.66 11.85
CA ILE A 538 24.70 27.97 12.39
C ILE A 538 26.06 27.97 13.12
N ALA A 539 26.29 26.96 13.96
CA ALA A 539 27.57 26.80 14.62
C ALA A 539 28.72 26.65 13.62
N ASP A 540 28.48 25.93 12.53
CA ASP A 540 29.49 25.79 11.50
C ASP A 540 29.88 27.14 10.90
N GLN A 541 28.89 28.01 10.66
CA GLN A 541 29.18 29.33 10.12
C GLN A 541 29.94 30.19 11.12
N MET A 542 29.58 30.07 12.39
CA MET A 542 30.32 30.73 13.47
C MET A 542 31.80 30.34 13.46
N GLN A 543 32.06 29.03 13.44
CA GLN A 543 33.44 28.54 13.44
C GLN A 543 34.19 28.93 12.19
N ALA A 544 33.49 28.97 11.06
CA ALA A 544 34.07 29.39 9.79
C ALA A 544 34.21 30.92 9.71
N LYS A 545 33.91 31.58 10.83
N LYS A 545 33.94 31.58 10.83
CA LYS A 545 34.06 33.03 10.92
CA LYS A 545 34.07 33.04 10.91
C LYS A 545 33.16 33.76 9.93
C LYS A 545 33.16 33.77 9.94
N LYS A 546 32.03 33.14 9.59
CA LYS A 546 31.07 33.77 8.69
C LYS A 546 29.91 34.47 9.38
N LEU A 547 29.86 34.40 10.72
CA LEU A 547 28.76 35.01 11.46
C LEU A 547 29.21 35.78 12.69
N PRO A 548 30.06 36.79 12.49
CA PRO A 548 30.61 37.57 13.62
C PRO A 548 29.55 38.13 14.57
N LEU A 549 28.40 38.55 14.06
CA LEU A 549 27.40 39.16 14.93
C LEU A 549 26.68 38.17 15.86
N VAL A 550 26.80 36.88 15.58
CA VAL A 550 26.21 35.86 16.45
C VAL A 550 27.24 35.37 17.44
N VAL A 551 26.93 35.43 18.73
CA VAL A 551 27.88 34.96 19.74
C VAL A 551 27.55 33.57 20.33
N ASP A 552 26.28 33.15 20.24
CA ASP A 552 25.88 31.84 20.77
C ASP A 552 24.59 31.37 20.08
N VAL A 553 24.39 30.06 20.09
CA VAL A 553 23.14 29.46 19.63
C VAL A 553 22.72 28.38 20.63
N ARG A 554 21.50 28.49 21.15
CA ARG A 554 21.06 27.61 22.22
C ARG A 554 19.78 26.89 21.82
N ASP A 555 19.67 25.64 22.23
CA ASP A 555 18.40 24.93 22.08
C ASP A 555 17.73 24.98 23.44
N GLU A 556 16.67 25.78 23.51
CA GLU A 556 15.94 25.97 24.76
C GLU A 556 14.57 25.29 24.71
N SER A 557 14.42 24.32 23.83
CA SER A 557 13.15 23.60 23.74
C SER A 557 12.97 22.76 25.00
N ASP A 558 11.76 22.82 25.58
CA ASP A 558 11.38 22.00 26.73
C ASP A 558 9.86 21.86 26.74
N HIS A 559 9.25 21.41 27.83
CA HIS A 559 7.80 21.18 27.76
C HIS A 559 7.00 22.48 27.67
N GLU A 560 7.45 23.50 28.36
CA GLU A 560 6.81 24.81 28.27
C GLU A 560 7.03 25.46 26.88
N ASN A 561 8.06 25.00 26.17
CA ASN A 561 8.47 25.59 24.90
C ASN A 561 8.79 24.51 23.87
N PRO A 562 7.77 24.05 23.15
CA PRO A 562 7.93 22.90 22.24
C PRO A 562 9.14 23.06 21.30
N THR A 563 9.24 24.21 20.64
CA THR A 563 10.42 24.57 19.86
C THR A 563 10.88 25.96 20.31
N ARG A 564 12.16 26.07 20.65
CA ARG A 564 12.72 27.33 21.11
C ARG A 564 14.22 27.38 20.85
N LEU A 565 14.58 27.79 19.64
CA LEU A 565 15.97 27.91 19.25
C LEU A 565 16.38 29.38 19.38
N VAL A 566 17.41 29.63 20.16
CA VAL A 566 17.78 31.01 20.48
C VAL A 566 19.11 31.40 19.87
N ILE A 567 19.07 32.40 19.00
CA ILE A 567 20.29 32.93 18.42
C ILE A 567 20.69 34.20 19.18
N VAL A 568 21.89 34.19 19.76
CA VAL A 568 22.29 35.30 20.61
C VAL A 568 23.24 36.24 19.88
N LEU A 569 22.84 37.51 19.76
CA LEU A 569 23.64 38.49 19.04
C LEU A 569 24.54 39.30 19.99
N ARG A 570 25.56 39.93 19.43
CA ARG A 570 26.49 40.77 20.21
C ARG A 570 25.80 41.80 21.10
N SER A 571 24.80 42.49 20.56
CA SER A 571 24.11 43.50 21.36
C SER A 571 22.70 43.73 20.87
N ASN A 572 21.99 44.62 21.59
N ASN A 572 21.96 44.61 21.55
CA ASN A 572 20.63 45.02 21.27
CA ASN A 572 20.60 44.91 21.15
C ASN A 572 20.57 45.93 20.03
C ASN A 572 20.56 45.96 20.04
N ARG A 573 21.74 46.36 19.55
CA ARG A 573 21.84 47.34 18.47
C ARG A 573 21.73 46.67 17.13
N ILE A 574 22.12 45.41 17.09
CA ILE A 574 22.25 44.67 15.84
C ILE A 574 20.90 44.44 15.15
N ASP A 575 20.92 44.54 13.81
CA ASP A 575 19.72 44.35 13.00
C ASP A 575 19.45 42.87 12.83
N ALA A 576 18.50 42.35 13.60
CA ALA A 576 18.28 40.92 13.60
C ALA A 576 17.72 40.47 12.26
N GLU A 577 16.83 41.27 11.68
CA GLU A 577 16.22 40.90 10.40
C GLU A 577 17.31 40.56 9.41
N ALA A 578 18.37 41.36 9.39
CA ALA A 578 19.43 41.14 8.43
C ALA A 578 20.18 39.84 8.72
N VAL A 579 20.32 39.51 10.01
CA VAL A 579 20.94 38.24 10.37
C VAL A 579 20.03 37.06 9.96
N MET A 580 18.75 37.17 10.27
CA MET A 580 17.81 36.13 9.91
C MET A 580 17.74 35.95 8.40
N SER A 581 17.76 37.06 7.67
CA SER A 581 17.73 37.00 6.23
C SER A 581 18.89 36.18 5.68
N HIS A 582 20.09 36.40 6.23
CA HIS A 582 21.25 35.60 5.83
C HIS A 582 21.09 34.12 6.20
N LEU A 583 20.50 33.86 7.37
CA LEU A 583 20.30 32.48 7.79
C LEU A 583 19.30 31.74 6.91
N PHE A 584 18.21 32.42 6.56
CA PHE A 584 17.26 31.87 5.60
C PHE A 584 17.95 31.47 4.31
N ALA A 585 18.96 32.23 3.90
CA ALA A 585 19.65 31.92 2.65
C ALA A 585 20.63 30.76 2.75
N THR A 586 21.08 30.45 3.96
CA THR A 586 22.22 29.53 4.12
C THR A 586 21.95 28.29 4.98
N THR A 587 20.76 28.18 5.55
CA THR A 587 20.43 27.10 6.47
C THR A 587 19.02 26.60 6.21
N ASP A 588 18.61 25.56 6.93
CA ASP A 588 17.29 24.96 6.73
C ASP A 588 16.15 25.81 7.27
N LEU A 589 16.50 26.95 7.86
CA LEU A 589 15.49 27.86 8.43
C LEU A 589 14.56 28.34 7.31
N GLU A 590 15.05 28.29 6.09
CA GLU A 590 14.17 28.33 4.93
C GLU A 590 14.42 27.05 4.12
N SER A 591 13.33 26.36 3.78
CA SER A 591 13.44 25.10 3.07
C SER A 591 12.51 25.03 1.88
N SER A 592 12.84 24.13 0.96
CA SER A 592 12.09 23.95 -0.28
C SER A 592 11.59 22.52 -0.34
N TYR A 593 10.43 22.34 -0.95
CA TYR A 593 9.76 21.04 -0.93
C TYR A 593 9.25 20.68 -2.33
N ARG A 594 9.68 19.53 -2.83
CA ARG A 594 9.17 19.04 -4.11
C ARG A 594 7.74 18.54 -3.93
N VAL A 595 6.94 18.76 -4.96
CA VAL A 595 5.60 18.23 -5.01
C VAL A 595 5.43 17.45 -6.31
N ASN A 596 4.87 16.26 -6.20
CA ASN A 596 4.54 15.44 -7.35
C ASN A 596 3.31 14.61 -6.99
N LEU A 597 2.14 15.05 -7.44
CA LEU A 597 0.88 14.45 -7.01
C LEU A 597 0.59 13.13 -7.75
N ASN A 598 1.38 12.10 -7.45
CA ASN A 598 1.35 10.84 -8.19
C ASN A 598 0.64 9.76 -7.35
N MET A 599 -0.30 9.04 -7.94
CA MET A 599 -0.99 8.03 -7.15
C MET A 599 -1.65 6.95 -7.99
N ILE A 600 -2.16 5.90 -7.36
CA ILE A 600 -2.95 4.91 -8.09
C ILE A 600 -4.41 5.38 -8.12
N GLY A 601 -4.97 5.53 -9.31
CA GLY A 601 -6.33 6.01 -9.43
C GLY A 601 -7.33 4.89 -9.23
N GLU A 602 -8.62 5.23 -9.31
CA GLU A 602 -9.67 4.23 -9.23
C GLU A 602 -9.50 3.17 -10.32
N ASP A 603 -8.93 3.55 -11.46
CA ASP A 603 -8.71 2.60 -12.56
C ASP A 603 -7.49 1.68 -12.33
N GLY A 604 -6.80 1.83 -11.21
CA GLY A 604 -5.67 0.97 -10.94
C GLY A 604 -4.37 1.40 -11.61
N ARG A 605 -4.39 2.54 -12.30
CA ARG A 605 -3.18 3.03 -12.98
C ARG A 605 -2.48 4.16 -12.24
N PRO A 606 -1.14 4.20 -12.28
CA PRO A 606 -0.46 5.38 -11.73
C PRO A 606 -0.75 6.58 -12.60
N GLN A 607 -0.81 7.75 -11.98
CA GLN A 607 -0.99 8.99 -12.72
C GLN A 607 -0.74 10.19 -11.82
N VAL A 608 -0.07 11.19 -12.36
CA VAL A 608 0.04 12.48 -11.69
C VAL A 608 -1.25 13.25 -11.98
N LYS A 609 -1.87 13.81 -10.94
CA LYS A 609 -3.17 14.43 -11.10
C LYS A 609 -3.21 15.78 -10.41
N SER A 610 -3.97 16.71 -10.97
CA SER A 610 -4.21 18.01 -10.34
C SER A 610 -5.06 17.84 -9.09
N ILE A 611 -5.01 18.81 -8.19
CA ILE A 611 -5.89 18.84 -7.01
C ILE A 611 -7.35 18.67 -7.40
N ARG A 612 -7.77 19.46 -8.37
CA ARG A 612 -9.12 19.37 -8.91
C ARG A 612 -9.47 17.94 -9.36
N ARG A 613 -8.60 17.33 -10.17
N ARG A 613 -8.60 17.33 -10.16
CA ARG A 613 -8.82 15.97 -10.65
CA ARG A 613 -8.86 15.97 -10.64
C ARG A 613 -8.89 14.96 -9.50
C ARG A 613 -8.87 14.94 -9.51
N ILE A 614 -7.97 15.09 -8.55
CA ILE A 614 -7.95 14.20 -7.39
C ILE A 614 -9.30 14.19 -6.69
N LEU A 615 -9.83 15.37 -6.38
CA LEU A 615 -11.08 15.50 -5.67
C LEU A 615 -12.30 15.04 -6.48
N LEU A 616 -12.31 15.36 -7.77
CA LEU A 616 -13.38 14.89 -8.65
C LEU A 616 -13.39 13.37 -8.71
N GLU A 617 -12.20 12.79 -8.82
CA GLU A 617 -12.09 11.34 -8.87
C GLU A 617 -12.46 10.73 -7.52
N TRP A 618 -12.04 11.37 -6.43
CA TRP A 618 -12.42 10.90 -5.09
C TRP A 618 -13.93 10.95 -4.86
N ILE A 619 -14.57 12.05 -5.27
CA ILE A 619 -16.01 12.19 -5.13
C ILE A 619 -16.76 11.01 -5.74
N GLU A 620 -16.33 10.60 -6.93
CA GLU A 620 -16.94 9.48 -7.61
C GLU A 620 -16.74 8.20 -6.81
N ILE A 621 -15.59 8.03 -6.18
CA ILE A 621 -15.38 6.87 -5.30
C ILE A 621 -16.31 6.90 -4.09
N ARG A 622 -16.43 8.07 -3.49
CA ARG A 622 -17.27 8.21 -2.31
C ARG A 622 -18.77 7.97 -2.63
N LYS A 623 -19.22 8.38 -3.80
CA LYS A 623 -20.60 8.08 -4.20
C LYS A 623 -20.84 6.57 -4.19
N LYS A 624 -19.92 5.81 -4.76
CA LYS A 624 -20.04 4.34 -4.74
C LYS A 624 -20.03 3.77 -3.32
N THR A 625 -19.15 4.27 -2.48
CA THR A 625 -19.09 3.80 -1.10
C THR A 625 -20.41 4.07 -0.36
N VAL A 626 -20.93 5.28 -0.49
CA VAL A 626 -22.13 5.67 0.21
C VAL A 626 -23.35 4.89 -0.31
N THR A 627 -23.38 4.65 -1.62
CA THR A 627 -24.48 3.93 -2.23
C THR A 627 -24.57 2.55 -1.62
N ARG A 628 -23.40 1.92 -1.48
CA ARG A 628 -23.30 0.57 -0.92
C ARG A 628 -23.67 0.53 0.56
N ARG A 629 -23.29 1.59 1.28
CA ARG A 629 -23.59 1.68 2.71
C ARG A 629 -25.10 1.81 2.90
N LEU A 630 -25.72 2.63 2.05
CA LEU A 630 -27.16 2.86 2.12
C LEU A 630 -27.90 1.55 1.87
N GLN A 631 -27.45 0.80 0.86
N GLN A 631 -27.47 0.79 0.85
CA GLN A 631 -28.05 -0.48 0.50
CA GLN A 631 -28.12 -0.48 0.56
C GLN A 631 -27.93 -1.47 1.66
C GLN A 631 -27.96 -1.44 1.72
N TYR A 632 -26.77 -1.46 2.33
CA TYR A 632 -26.54 -2.32 3.48
C TYR A 632 -27.52 -1.99 4.62
N HIS A 633 -27.70 -0.71 4.89
CA HIS A 633 -28.60 -0.30 5.96
C HIS A 633 -30.07 -0.52 5.61
N LEU A 634 -30.43 -0.35 4.34
CA LEU A 634 -31.82 -0.58 3.92
C LEU A 634 -32.21 -2.03 4.19
N ASN A 635 -31.38 -2.96 3.77
N ASN A 635 -31.37 -2.97 3.76
CA ASN A 635 -31.66 -4.38 3.98
CA ASN A 635 -31.62 -4.39 3.99
C ASN A 635 -31.82 -4.72 5.47
C ASN A 635 -31.86 -4.68 5.47
N ARG A 636 -31.04 -4.08 6.33
CA ARG A 636 -31.14 -4.32 7.77
C ARG A 636 -32.42 -3.71 8.36
N ILE A 637 -32.74 -2.50 7.92
CA ILE A 637 -33.98 -1.85 8.28
C ILE A 637 -35.19 -2.72 7.91
N GLU A 638 -35.21 -3.20 6.68
CA GLU A 638 -36.30 -4.05 6.23
C GLU A 638 -36.40 -5.35 7.02
N LYS A 639 -35.27 -5.96 7.36
CA LYS A 639 -35.32 -7.15 8.18
C LYS A 639 -35.93 -6.87 9.56
N ARG A 640 -35.55 -5.73 10.14
CA ARG A 640 -36.04 -5.34 11.46
C ARG A 640 -37.54 -5.00 11.45
N LEU A 641 -38.00 -4.31 10.41
CA LEU A 641 -39.42 -4.03 10.28
C LEU A 641 -40.24 -5.32 10.20
N HIS A 642 -39.69 -6.32 9.52
CA HIS A 642 -40.36 -7.61 9.41
C HIS A 642 -40.49 -8.23 10.79
N ILE A 643 -39.45 -8.12 11.62
CA ILE A 643 -39.53 -8.61 12.98
C ILE A 643 -40.58 -7.84 13.78
N LEU A 644 -40.53 -6.51 13.68
CA LEU A 644 -41.46 -5.68 14.43
C LEU A 644 -42.91 -5.99 14.07
N ALA A 645 -43.15 -6.34 12.81
CA ALA A 645 -44.51 -6.62 12.39
C ALA A 645 -44.99 -7.85 13.13
N GLY A 646 -44.08 -8.82 13.32
CA GLY A 646 -44.40 -10.02 14.07
C GLY A 646 -44.63 -9.69 15.54
N LEU A 647 -43.77 -8.86 16.11
CA LEU A 647 -43.91 -8.48 17.50
C LEU A 647 -45.23 -7.74 17.77
N LEU A 648 -45.71 -6.98 16.79
CA LEU A 648 -46.94 -6.23 16.97
C LEU A 648 -48.12 -7.20 17.05
N ILE A 649 -48.14 -8.15 16.13
CA ILE A 649 -49.11 -9.24 16.14
C ILE A 649 -49.07 -10.00 17.47
N ALA A 650 -47.86 -10.26 17.96
CA ALA A 650 -47.71 -11.02 19.19
C ALA A 650 -48.25 -10.20 20.34
N TYR A 651 -47.87 -8.92 20.38
CA TYR A 651 -48.25 -8.04 21.46
C TYR A 651 -49.77 -7.90 21.53
N LEU A 652 -50.43 -7.89 20.37
CA LEU A 652 -51.86 -7.66 20.30
C LEU A 652 -52.69 -8.86 20.79
N ASP A 653 -52.01 -9.95 21.16
CA ASP A 653 -52.64 -11.07 21.86
C ASP A 653 -51.63 -11.73 22.78
N ILE A 654 -50.96 -10.90 23.56
CA ILE A 654 -49.86 -11.32 24.39
C ILE A 654 -50.22 -12.50 25.30
N ASP A 655 -51.43 -12.52 25.84
CA ASP A 655 -51.81 -13.60 26.76
C ASP A 655 -51.79 -14.98 26.10
N THR A 656 -52.22 -15.06 24.84
CA THR A 656 -52.16 -16.32 24.11
C THR A 656 -50.70 -16.72 23.82
N VAL A 657 -49.87 -15.73 23.45
CA VAL A 657 -48.46 -16.01 23.19
C VAL A 657 -47.84 -16.69 24.41
N ILE A 658 -48.07 -16.09 25.57
CA ILE A 658 -47.52 -16.55 26.84
C ILE A 658 -48.03 -17.94 27.20
N ARG A 659 -49.34 -18.14 27.05
CA ARG A 659 -49.93 -19.46 27.28
C ARG A 659 -49.25 -20.51 26.39
N ILE A 660 -49.09 -20.21 25.10
CA ILE A 660 -48.45 -21.15 24.18
C ILE A 660 -47.04 -21.51 24.61
N ILE A 661 -46.25 -20.50 24.97
CA ILE A 661 -44.87 -20.72 25.38
C ILE A 661 -44.83 -21.53 26.68
N ARG A 662 -45.75 -21.26 27.59
CA ARG A 662 -45.83 -21.99 28.85
C ARG A 662 -46.15 -23.48 28.68
N GLU A 663 -47.10 -23.77 27.81
CA GLU A 663 -47.70 -25.10 27.80
C GLU A 663 -47.36 -25.95 26.58
N GLU A 664 -46.60 -25.38 25.65
CA GLU A 664 -46.16 -26.15 24.49
C GLU A 664 -44.69 -26.58 24.59
N ASP A 665 -44.47 -27.84 24.25
CA ASP A 665 -43.13 -28.40 24.16
C ASP A 665 -42.41 -27.88 22.92
N GLN A 666 -43.16 -27.60 21.86
CA GLN A 666 -42.62 -26.95 20.67
C GLN A 666 -43.47 -25.73 20.29
N PRO A 667 -43.23 -24.57 20.95
CA PRO A 667 -44.05 -23.38 20.80
C PRO A 667 -44.00 -22.79 19.39
N LYS A 668 -42.85 -22.92 18.73
CA LYS A 668 -42.61 -22.24 17.47
C LYS A 668 -43.65 -22.56 16.39
N PRO A 669 -43.90 -23.85 16.14
CA PRO A 669 -44.90 -24.13 15.10
C PRO A 669 -46.30 -23.68 15.54
N VAL A 670 -46.58 -23.75 16.84
CA VAL A 670 -47.89 -23.33 17.32
C VAL A 670 -48.08 -21.82 17.13
N LEU A 671 -47.06 -21.02 17.45
CA LEU A 671 -47.15 -19.58 17.25
C LEU A 671 -47.33 -19.28 15.77
N MET A 672 -46.61 -20.01 14.93
CA MET A 672 -46.66 -19.73 13.50
C MET A 672 -48.06 -20.01 12.97
N GLU A 673 -48.63 -21.14 13.38
CA GLU A 673 -49.94 -21.51 12.86
C GLU A 673 -51.06 -20.59 13.34
N HIS A 674 -50.99 -20.17 14.59
CA HIS A 674 -52.11 -19.44 15.16
C HIS A 674 -52.04 -17.94 14.98
N PHE A 675 -50.85 -17.43 14.67
CA PHE A 675 -50.67 -16.00 14.45
C PHE A 675 -50.28 -15.66 13.01
N ASN A 676 -50.06 -16.69 12.19
CA ASN A 676 -49.65 -16.45 10.80
C ASN A 676 -48.35 -15.67 10.70
N ILE A 677 -47.37 -16.01 11.51
CA ILE A 677 -46.05 -15.41 11.36
C ILE A 677 -45.13 -16.48 10.80
N ASP A 678 -43.96 -16.07 10.31
CA ASP A 678 -43.04 -17.03 9.74
C ASP A 678 -42.03 -17.47 10.79
N GLU A 679 -41.09 -18.32 10.41
CA GLU A 679 -40.13 -18.84 11.38
C GLU A 679 -39.24 -17.76 11.99
N ILE A 680 -38.75 -16.84 11.15
CA ILE A 680 -37.95 -15.71 11.62
C ILE A 680 -38.69 -14.88 12.68
N GLN A 681 -39.97 -14.62 12.42
CA GLN A 681 -40.76 -13.81 13.35
C GLN A 681 -40.97 -14.56 14.66
N ALA A 682 -41.25 -15.86 14.57
CA ALA A 682 -41.51 -16.67 15.76
C ALA A 682 -40.28 -16.84 16.63
N GLU A 683 -39.11 -17.02 16.02
CA GLU A 683 -37.85 -17.13 16.77
C GLU A 683 -37.56 -15.86 17.56
N ALA A 684 -37.82 -14.70 16.97
CA ALA A 684 -37.62 -13.42 17.64
C ALA A 684 -38.53 -13.26 18.85
N ILE A 685 -39.80 -13.68 18.72
CA ILE A 685 -40.71 -13.66 19.86
C ILE A 685 -40.19 -14.56 20.98
N LEU A 686 -39.72 -15.75 20.61
CA LEU A 686 -39.23 -16.74 21.57
C LEU A 686 -37.86 -16.34 22.13
N GLU A 687 -37.13 -15.56 21.34
CA GLU A 687 -35.82 -15.05 21.74
C GLU A 687 -35.93 -14.22 23.00
N LEU A 688 -36.98 -13.38 23.06
CA LEU A 688 -37.23 -12.54 24.22
C LEU A 688 -37.42 -13.35 25.49
N LYS A 689 -36.99 -12.79 26.60
CA LYS A 689 -37.26 -13.41 27.90
C LYS A 689 -38.75 -13.23 28.21
N LEU A 690 -39.31 -14.18 28.97
CA LEU A 690 -40.69 -14.06 29.42
C LEU A 690 -40.86 -12.70 30.08
N ARG A 691 -39.87 -12.33 30.90
CA ARG A 691 -39.87 -11.03 31.57
C ARG A 691 -39.94 -9.88 30.56
N HIS A 692 -39.12 -9.96 29.50
CA HIS A 692 -39.13 -8.93 28.47
C HIS A 692 -40.46 -8.93 27.72
N LEU A 693 -40.98 -10.13 27.47
CA LEU A 693 -42.22 -10.28 26.72
C LEU A 693 -43.39 -9.65 27.46
N ALA A 694 -43.31 -9.64 28.78
CA ALA A 694 -44.32 -8.98 29.60
C ALA A 694 -44.12 -7.47 29.54
N LYS A 695 -42.87 -7.06 29.41
CA LYS A 695 -42.52 -5.63 29.38
C LYS A 695 -42.72 -5.03 27.98
N LEU A 696 -43.10 -5.86 27.02
CA LEU A 696 -43.28 -5.45 25.64
C LEU A 696 -44.39 -4.39 25.53
N GLU A 697 -44.03 -3.19 25.10
CA GLU A 697 -45.03 -2.16 24.91
C GLU A 697 -45.34 -1.98 23.43
N GLU A 698 -46.63 -1.82 23.15
CA GLU A 698 -47.14 -1.57 21.82
C GLU A 698 -46.58 -0.27 21.30
N MET A 699 -46.66 0.75 22.14
N MET A 699 -46.65 0.77 22.11
CA MET A 699 -46.19 2.09 21.80
CA MET A 699 -46.19 2.08 21.66
C MET A 699 -44.74 2.05 21.35
C MET A 699 -44.70 2.12 21.37
N GLU A 700 -43.91 1.33 22.10
CA GLU A 700 -42.48 1.26 21.84
C GLU A 700 -42.23 0.64 20.48
N ILE A 701 -42.91 -0.47 20.23
CA ILE A 701 -42.82 -1.15 18.96
C ILE A 701 -43.25 -0.22 17.83
N ARG A 702 -44.36 0.47 18.01
CA ARG A 702 -44.95 1.25 16.92
C ARG A 702 -44.07 2.44 16.60
N HIS A 703 -43.40 2.96 17.62
N HIS A 703 -43.40 2.96 17.62
CA HIS A 703 -42.50 4.09 17.43
CA HIS A 703 -42.49 4.08 17.45
C HIS A 703 -41.27 3.69 16.63
C HIS A 703 -41.30 3.66 16.59
N GLU A 704 -40.67 2.55 16.97
CA GLU A 704 -39.55 2.02 16.19
C GLU A 704 -39.99 1.73 14.75
N GLN A 705 -41.19 1.19 14.56
CA GLN A 705 -41.70 0.94 13.21
C GLN A 705 -41.76 2.22 12.40
N ASP A 706 -42.34 3.25 13.01
CA ASP A 706 -42.49 4.56 12.37
C ASP A 706 -41.12 5.15 12.06
N GLU A 707 -40.25 5.14 13.06
CA GLU A 707 -38.93 5.68 12.92
C GLU A 707 -38.14 4.95 11.83
N LEU A 708 -38.25 3.63 11.78
CA LEU A 708 -37.57 2.84 10.74
C LEU A 708 -38.16 3.04 9.34
N SER A 709 -39.47 3.17 9.24
CA SER A 709 -40.12 3.36 7.93
C SER A 709 -39.76 4.70 7.32
N ALA A 710 -39.56 5.69 8.16
CA ALA A 710 -39.20 7.00 7.65
C ALA A 710 -37.73 6.99 7.20
N LYS A 711 -36.88 6.27 7.92
CA LYS A 711 -35.49 6.09 7.52
C LYS A 711 -35.37 5.36 6.19
N ALA A 712 -36.13 4.27 6.04
CA ALA A 712 -36.10 3.49 4.82
C ALA A 712 -36.59 4.31 3.64
N ALA A 713 -37.58 5.17 3.88
CA ALA A 713 -38.12 6.01 2.82
C ALA A 713 -37.08 7.03 2.35
N ILE A 714 -36.38 7.63 3.29
CA ILE A 714 -35.30 8.55 2.97
C ILE A 714 -34.21 7.83 2.16
N ILE A 715 -33.87 6.62 2.58
CA ILE A 715 -32.83 5.86 1.89
C ILE A 715 -33.20 5.52 0.44
N ARG A 716 -34.42 5.06 0.22
CA ARG A 716 -34.84 4.70 -1.13
C ARG A 716 -34.76 5.86 -2.10
N GLU A 717 -35.12 7.04 -1.65
CA GLU A 717 -35.08 8.19 -2.55
C GLU A 717 -33.63 8.66 -2.75
N GLN A 718 -32.80 8.50 -1.72
CA GLN A 718 -31.37 8.76 -1.88
C GLN A 718 -30.74 7.82 -2.89
N LEU A 719 -31.19 6.58 -2.89
CA LEU A 719 -30.70 5.59 -3.87
C LEU A 719 -31.23 5.84 -5.27
N GLU A 720 -32.38 6.46 -5.39
CA GLU A 720 -32.98 6.63 -6.70
C GLU A 720 -32.74 8.00 -7.31
N ASN A 721 -32.43 8.98 -6.47
CA ASN A 721 -32.20 10.32 -6.96
C ASN A 721 -30.76 10.80 -6.72
N PRO A 722 -29.95 10.83 -7.79
CA PRO A 722 -28.52 11.18 -7.69
C PRO A 722 -28.26 12.49 -6.97
N GLU A 723 -29.19 13.44 -7.09
CA GLU A 723 -29.00 14.75 -6.48
C GLU A 723 -29.14 14.70 -4.97
N SER A 724 -30.04 13.85 -4.47
CA SER A 724 -30.16 13.72 -3.02
C SER A 724 -29.03 12.89 -2.43
N LEU A 725 -28.45 12.00 -3.23
CA LEU A 725 -27.22 11.31 -2.80
C LEU A 725 -26.12 12.35 -2.60
N LYS A 726 -25.97 13.28 -3.55
CA LYS A 726 -25.02 14.38 -3.40
C LYS A 726 -25.26 15.22 -2.15
N ASN A 727 -26.52 15.51 -1.84
CA ASN A 727 -26.81 16.29 -0.64
C ASN A 727 -26.40 15.52 0.62
N LEU A 728 -26.69 14.23 0.63
CA LEU A 728 -26.29 13.39 1.76
C LEU A 728 -24.77 13.45 1.98
N ILE A 729 -24.00 13.26 0.90
CA ILE A 729 -22.54 13.31 1.02
C ILE A 729 -22.04 14.67 1.50
N ILE A 730 -22.68 15.73 1.02
CA ILE A 730 -22.28 17.07 1.45
C ILE A 730 -22.55 17.25 2.94
N SER A 731 -23.70 16.81 3.41
CA SER A 731 -24.02 17.05 4.80
C SER A 731 -23.11 16.23 5.71
N GLU A 732 -22.72 15.05 5.25
CA GLU A 732 -21.80 14.19 6.00
C GLU A 732 -20.41 14.80 6.04
N LEU A 733 -19.96 15.36 4.91
CA LEU A 733 -18.68 16.05 4.86
C LEU A 733 -18.66 17.23 5.82
N LYS A 734 -19.77 17.96 5.90
CA LYS A 734 -19.84 19.09 6.82
C LYS A 734 -19.70 18.65 8.29
N GLU A 735 -20.43 17.60 8.68
N GLU A 735 -20.42 17.59 8.67
CA GLU A 735 -20.32 17.11 10.06
CA GLU A 735 -20.34 17.09 10.04
C GLU A 735 -18.91 16.61 10.36
C GLU A 735 -18.94 16.58 10.37
N ASP A 736 -18.30 15.90 9.42
CA ASP A 736 -16.95 15.37 9.63
C ASP A 736 -15.91 16.50 9.73
N ALA A 737 -16.05 17.53 8.90
CA ALA A 737 -15.19 18.70 9.01
C ALA A 737 -15.35 19.41 10.36
N LYS A 738 -16.57 19.47 10.87
CA LYS A 738 -16.79 20.02 12.21
C LYS A 738 -16.17 19.17 13.31
N LYS A 739 -16.42 17.87 13.30
CA LYS A 739 -15.92 17.03 14.37
C LYS A 739 -14.39 16.86 14.36
N PHE A 740 -13.83 16.56 13.19
CA PHE A 740 -12.43 16.15 13.12
C PHE A 740 -11.51 17.23 12.55
N GLY A 741 -12.09 18.31 12.04
CA GLY A 741 -11.32 19.36 11.40
C GLY A 741 -10.70 20.32 12.40
N ASP A 742 -9.77 21.14 11.92
CA ASP A 742 -9.03 22.10 12.75
C ASP A 742 -8.58 23.29 11.88
N GLU A 743 -8.04 24.32 12.50
CA GLU A 743 -7.66 25.54 11.79
C GLU A 743 -6.36 25.35 11.02
N ARG A 744 -6.10 26.19 10.04
CA ARG A 744 -4.83 26.16 9.33
C ARG A 744 -3.70 26.40 10.33
N ARG A 745 -2.61 25.65 10.18
CA ARG A 745 -1.46 25.82 11.05
C ARG A 745 -0.36 26.63 10.39
N SER A 746 -0.21 26.49 9.09
CA SER A 746 0.86 27.18 8.36
C SER A 746 0.32 28.37 7.61
N PRO A 747 0.57 29.59 8.13
CA PRO A 747 0.06 30.76 7.41
C PRO A 747 0.78 30.92 6.06
N ILE A 748 0.05 31.41 5.07
CA ILE A 748 0.65 31.74 3.79
C ILE A 748 1.05 33.22 3.80
N VAL A 749 2.33 33.51 3.60
CA VAL A 749 2.84 34.87 3.78
C VAL A 749 3.90 35.24 2.77
N ALA A 750 3.82 36.44 2.23
CA ALA A 750 4.83 36.93 1.30
C ALA A 750 6.07 37.42 2.07
N ARG A 751 7.25 37.09 1.56
CA ARG A 751 8.49 37.53 2.20
C ARG A 751 9.47 38.06 1.19
N ALA A 752 10.30 39.00 1.62
CA ALA A 752 11.42 39.44 0.80
C ALA A 752 12.41 38.29 0.66
N GLU A 753 12.89 38.07 -0.55
CA GLU A 753 13.94 37.10 -0.81
C GLU A 753 15.04 37.16 0.25
N ALA A 754 15.51 35.99 0.65
CA ALA A 754 16.64 35.89 1.57
C ALA A 754 17.91 36.44 0.94
N VAL A 755 18.68 37.19 1.73
CA VAL A 755 19.91 37.83 1.24
C VAL A 755 21.12 37.40 2.07
N GLN A 756 22.07 36.72 1.42
CA GLN A 756 23.25 36.16 2.06
C GLN A 756 24.40 37.16 2.30
N ILE A 757 25.38 36.73 3.09
CA ILE A 757 26.61 37.50 3.40
C ILE A 757 26.28 38.80 4.12
S SO4 B . -22.72 26.16 2.18
O1 SO4 B . -22.07 26.21 3.48
O2 SO4 B . -23.12 24.80 1.86
O3 SO4 B . -23.92 27.02 2.20
O4 SO4 B . -21.79 26.63 1.15
C1 GOL C . -15.41 -10.12 5.98
O1 GOL C . -15.27 -9.15 7.00
C2 GOL C . -16.01 -9.50 4.73
O2 GOL C . -17.21 -8.79 5.02
C3 GOL C . -16.33 -10.63 3.74
O3 GOL C . -15.12 -11.17 3.24
S SO4 D . 18.30 6.66 -28.58
O1 SO4 D . 17.66 7.25 -27.41
O2 SO4 D . 19.45 5.87 -28.17
O3 SO4 D . 17.37 5.79 -29.30
O4 SO4 D . 18.73 7.74 -29.47
#